data_8CJ2
#
_entry.id   8CJ2
#
_cell.length_a   98.67
_cell.length_b   98.67
_cell.length_c   168.56
_cell.angle_alpha   90
_cell.angle_beta   90
_cell.angle_gamma   120
#
_symmetry.space_group_name_H-M   'P 62'
#
loop_
_entity.id
_entity.type
_entity.pdbx_description
1 polymer 'Histone chaperone ASF1A'
2 polymer 'c3u_5 chimera inhibitor of histone chaperone ASF1'
3 non-polymer GLYCEROL
4 non-polymer 'SULFATE ION'
5 water water
#
loop_
_entity_poly.entity_id
_entity_poly.type
_entity_poly.pdbx_seq_one_letter_code
_entity_poly.pdbx_strand_id
1 'polypeptide(L)'
;MAKVQVNNVVVLDNPSPFYNPFQFEITFECIEDLSEDLEWKIIYVGSAESEEYDQVLDSVLVGPVPAGRHMFVFQADAPN
PGLIPDADAVGVTVVLITCTYRGQEFIRVGYYVNNEYTETELRENPPVKPDFSKLQRNILASNPRVTRFHINWEDN
;
A,B,C,D
2 'polypeptide(L)' (ACE)EK(ALN)A(OUR)(URL)(QQ8)RI(66N) E,F,G,H
#
loop_
_chem_comp.id
_chem_comp.type
_chem_comp.name
_chem_comp.formula
66N non-polymer L-alaninamide 'C3 H8 N2 O'
ACE non-polymer 'ACETYL GROUP' 'C2 H4 O'
GOL non-polymer GLYCEROL 'C3 H8 O3'
OUR non-polymer [azanyl-[[(4~{S})-4-azanyl-5-(carboxyamino)pentyl]amino]methylidene]azanium 'C7 H18 N5 O2 1'
SO4 non-polymer 'SULFATE ION' 'O4 S -2'
URL non-polymer '[(2~{S})-2-azanyl-4-methyl-pentyl]carbamic acid' 'C7 H16 N2 O2'
#
# COMPACT_ATOMS: atom_id res chain seq x y z
N MET A 1 -17.51 -10.07 2.18
CA MET A 1 -16.31 -10.43 2.94
C MET A 1 -15.03 -9.86 2.32
N ALA A 2 -14.24 -9.15 3.13
CA ALA A 2 -12.97 -8.56 2.73
C ALA A 2 -11.98 -9.63 2.23
N LYS A 3 -11.40 -9.41 1.06
CA LYS A 3 -10.44 -10.33 0.48
C LYS A 3 -9.09 -10.33 1.21
N VAL A 4 -8.77 -9.27 1.95
CA VAL A 4 -7.53 -9.21 2.72
C VAL A 4 -7.90 -8.98 4.19
N GLN A 5 -7.31 -9.76 5.10
CA GLN A 5 -7.55 -9.59 6.52
C GLN A 5 -6.23 -9.45 7.27
N VAL A 6 -6.00 -8.34 7.96
CA VAL A 6 -4.79 -8.16 8.76
C VAL A 6 -5.00 -8.86 10.10
N ASN A 7 -4.11 -9.76 10.45
CA ASN A 7 -4.24 -10.57 11.65
C ASN A 7 -3.38 -10.12 12.81
N ASN A 8 -2.28 -9.41 12.52
CA ASN A 8 -1.35 -9.01 13.56
C ASN A 8 -0.41 -7.95 13.05
N VAL A 9 0.02 -7.08 13.96
CA VAL A 9 1.04 -6.08 13.73
C VAL A 9 1.96 -6.13 14.98
N VAL A 10 3.26 -6.32 14.79
CA VAL A 10 4.24 -6.27 15.87
C VAL A 10 5.13 -5.03 15.65
N VAL A 11 5.24 -4.15 16.66
CA VAL A 11 6.09 -2.96 16.54
C VAL A 11 7.51 -3.35 16.90
N LEU A 12 8.45 -3.20 15.98
CA LEU A 12 9.85 -3.55 16.21
C LEU A 12 10.71 -2.33 16.58
N ASP A 13 11.91 -2.56 17.15
CA ASP A 13 12.86 -1.50 17.54
C ASP A 13 12.18 -0.38 18.34
N ASN A 14 11.51 -0.77 19.42
CA ASN A 14 10.72 0.14 20.21
C ASN A 14 10.91 -0.10 21.72
N PRO A 15 11.20 0.94 22.52
CA PRO A 15 11.41 2.35 22.12
C PRO A 15 12.73 2.56 21.37
N SER A 16 12.92 3.75 20.84
CA SER A 16 14.11 4.05 20.05
C SER A 16 14.33 5.56 20.00
N PRO A 17 15.50 6.04 19.53
CA PRO A 17 15.63 7.47 19.23
C PRO A 17 14.55 7.90 18.20
N PHE A 18 14.13 9.18 18.27
CA PHE A 18 13.14 9.75 17.35
C PHE A 18 13.56 9.52 15.88
N TYR A 19 14.87 9.69 15.59
CA TYR A 19 15.41 9.61 14.24
C TYR A 19 15.51 8.21 13.64
N ASN A 20 15.27 7.13 14.44
CA ASN A 20 15.32 5.76 13.87
C ASN A 20 14.13 5.52 12.95
N PRO A 21 14.32 4.75 11.87
CA PRO A 21 13.16 4.40 11.02
C PRO A 21 12.14 3.54 11.79
N PHE A 22 10.90 3.64 11.39
CA PHE A 22 9.82 2.82 11.92
C PHE A 22 9.95 1.41 11.30
N GLN A 23 9.61 0.37 12.07
CA GLN A 23 9.64 -1.03 11.60
C GLN A 23 8.44 -1.73 12.17
N PHE A 24 7.52 -2.19 11.32
CA PHE A 24 6.34 -2.91 11.77
C PHE A 24 6.29 -4.24 11.05
N GLU A 25 6.09 -5.33 11.78
CA GLU A 25 5.94 -6.63 11.17
C GLU A 25 4.45 -6.91 11.05
N ILE A 26 3.94 -6.99 9.82
CA ILE A 26 2.54 -7.19 9.55
C ILE A 26 2.24 -8.60 9.05
N THR A 27 1.21 -9.24 9.63
CA THR A 27 0.74 -10.54 9.19
C THR A 27 -0.66 -10.35 8.63
N PHE A 28 -0.90 -10.85 7.42
CA PHE A 28 -2.20 -10.74 6.80
C PHE A 28 -2.55 -11.97 6.00
N GLU A 29 -3.83 -12.18 5.76
CA GLU A 29 -4.33 -13.31 5.00
C GLU A 29 -5.05 -12.79 3.76
N CYS A 30 -4.75 -13.37 2.61
CA CYS A 30 -5.45 -13.08 1.37
C CYS A 30 -6.34 -14.28 1.13
N ILE A 31 -7.66 -14.07 1.16
CA ILE A 31 -8.67 -15.11 0.97
C ILE A 31 -8.67 -15.64 -0.47
N GLU A 32 -8.33 -14.79 -1.44
CA GLU A 32 -8.20 -15.20 -2.83
C GLU A 32 -7.20 -14.34 -3.57
N ASP A 33 -6.62 -14.85 -4.67
CA ASP A 33 -5.64 -14.10 -5.48
C ASP A 33 -6.20 -12.75 -5.90
N LEU A 34 -5.42 -11.69 -5.71
CA LEU A 34 -5.86 -10.35 -6.09
C LEU A 34 -5.36 -10.03 -7.49
N SER A 35 -6.20 -9.42 -8.32
CA SER A 35 -5.79 -9.03 -9.65
C SER A 35 -4.99 -7.70 -9.64
N GLU A 36 -5.07 -6.90 -8.55
CA GLU A 36 -4.39 -5.64 -8.44
C GLU A 36 -3.46 -5.59 -7.20
N ASP A 37 -2.59 -4.61 -7.14
CA ASP A 37 -1.65 -4.48 -6.04
C ASP A 37 -2.33 -3.98 -4.74
N LEU A 38 -1.72 -4.24 -3.60
CA LEU A 38 -2.13 -3.68 -2.35
C LEU A 38 -1.26 -2.42 -2.15
N GLU A 39 -1.84 -1.37 -1.57
CA GLU A 39 -1.08 -0.14 -1.31
C GLU A 39 -0.95 0.06 0.19
N TRP A 40 0.26 -0.07 0.70
CA TRP A 40 0.52 0.09 2.13
C TRP A 40 1.12 1.46 2.40
N LYS A 41 0.67 2.10 3.49
CA LYS A 41 1.20 3.42 3.86
C LYS A 41 1.49 3.48 5.34
N ILE A 42 2.46 4.30 5.70
CA ILE A 42 2.75 4.67 7.07
C ILE A 42 2.60 6.17 7.10
N ILE A 43 1.67 6.67 7.92
CA ILE A 43 1.39 8.09 8.00
C ILE A 43 1.65 8.59 9.41
N TYR A 44 2.44 9.65 9.53
CA TYR A 44 2.75 10.23 10.80
C TYR A 44 1.88 11.45 11.03
N VAL A 45 1.18 11.52 12.17
CA VAL A 45 0.38 12.68 12.49
C VAL A 45 1.29 13.71 13.20
N GLY A 46 1.78 14.67 12.44
CA GLY A 46 2.63 15.70 12.99
C GLY A 46 1.88 16.57 13.99
N SER A 47 0.55 16.73 13.82
CA SER A 47 -0.23 17.57 14.72
C SER A 47 -1.64 17.06 14.90
N ALA A 48 -2.04 16.80 16.15
CA ALA A 48 -3.41 16.40 16.44
C ALA A 48 -4.41 17.57 16.24
N GLU A 49 -3.92 18.82 16.10
CA GLU A 49 -4.75 19.99 15.89
C GLU A 49 -5.06 20.24 14.40
N SER A 50 -4.34 19.59 13.47
CA SER A 50 -4.57 19.82 12.04
C SER A 50 -3.99 18.73 11.15
N GLU A 51 -4.85 18.17 10.25
CA GLU A 51 -4.42 17.13 9.30
C GLU A 51 -3.40 17.63 8.27
N GLU A 52 -3.25 18.93 8.12
CA GLU A 52 -2.27 19.51 7.21
C GLU A 52 -0.83 19.12 7.58
N TYR A 53 -0.58 18.66 8.81
CA TYR A 53 0.77 18.27 9.23
C TYR A 53 1.03 16.75 9.15
N ASP A 54 0.15 16.01 8.46
CA ASP A 54 0.36 14.58 8.29
C ASP A 54 1.50 14.40 7.33
N GLN A 55 2.35 13.42 7.60
CA GLN A 55 3.46 13.13 6.72
C GLN A 55 3.31 11.68 6.26
N VAL A 56 3.26 11.47 4.93
CA VAL A 56 3.21 10.11 4.42
C VAL A 56 4.65 9.67 4.43
N LEU A 57 5.04 8.83 5.40
CA LEU A 57 6.43 8.38 5.54
C LEU A 57 6.81 7.34 4.51
N ASP A 58 5.88 6.49 4.10
CA ASP A 58 6.13 5.49 3.08
C ASP A 58 4.79 5.13 2.41
N SER A 59 4.80 4.94 1.09
CA SER A 59 3.61 4.56 0.34
C SER A 59 4.10 3.65 -0.71
N VAL A 60 3.67 2.39 -0.65
CA VAL A 60 4.21 1.41 -1.55
C VAL A 60 3.12 0.54 -2.17
N LEU A 61 3.31 0.21 -3.45
CA LEU A 61 2.43 -0.69 -4.17
C LEU A 61 3.14 -2.04 -4.27
N VAL A 62 2.48 -3.12 -3.76
CA VAL A 62 3.05 -4.48 -3.78
C VAL A 62 2.10 -5.47 -4.44
N GLY A 63 2.65 -6.34 -5.28
CA GLY A 63 1.85 -7.35 -5.94
C GLY A 63 2.41 -7.85 -7.26
N PRO A 64 1.80 -8.87 -7.90
CA PRO A 64 0.54 -9.53 -7.51
C PRO A 64 0.59 -10.25 -6.17
N VAL A 65 -0.54 -10.21 -5.44
CA VAL A 65 -0.67 -10.83 -4.13
C VAL A 65 -1.47 -12.14 -4.22
N PRO A 66 -0.78 -13.27 -4.03
CA PRO A 66 -1.49 -14.56 -4.09
C PRO A 66 -2.27 -14.86 -2.81
N ALA A 67 -3.19 -15.81 -2.89
CA ALA A 67 -3.98 -16.25 -1.74
C ALA A 67 -3.03 -16.89 -0.70
N GLY A 68 -3.41 -16.79 0.56
CA GLY A 68 -2.62 -17.38 1.63
C GLY A 68 -2.17 -16.40 2.69
N ARG A 69 -1.37 -16.89 3.62
CA ARG A 69 -0.85 -16.12 4.72
C ARG A 69 0.45 -15.41 4.31
N HIS A 70 0.56 -14.13 4.60
CA HIS A 70 1.73 -13.34 4.27
C HIS A 70 2.24 -12.58 5.49
N MET A 71 3.54 -12.37 5.55
CA MET A 71 4.19 -11.65 6.65
C MET A 71 5.31 -10.83 6.09
N PHE A 72 5.43 -9.57 6.53
CA PHE A 72 6.54 -8.74 6.07
C PHE A 72 6.83 -7.65 7.07
N VAL A 73 8.06 -7.17 7.03
CA VAL A 73 8.47 -6.06 7.83
C VAL A 73 8.40 -4.85 6.92
N PHE A 74 7.55 -3.88 7.30
CA PHE A 74 7.35 -2.61 6.62
C PHE A 74 8.20 -1.53 7.36
N GLN A 75 9.22 -0.99 6.68
CA GLN A 75 10.08 0.04 7.26
C GLN A 75 9.81 1.40 6.60
N ALA A 76 9.83 2.49 7.38
CA ALA A 76 9.66 3.86 6.84
C ALA A 76 10.63 4.77 7.57
N ASP A 77 11.23 5.77 6.91
CA ASP A 77 12.10 6.70 7.65
C ASP A 77 11.28 7.54 8.65
N ALA A 78 11.94 8.03 9.72
CA ALA A 78 11.33 8.91 10.71
C ALA A 78 10.77 10.18 10.04
N PRO A 79 9.79 10.86 10.65
CA PRO A 79 9.27 12.10 10.03
C PRO A 79 10.28 13.22 9.99
N ASN A 80 10.02 14.21 9.13
CA ASN A 80 10.82 15.39 8.97
C ASN A 80 10.41 16.33 10.13
N PRO A 81 11.31 16.56 11.10
CA PRO A 81 10.97 17.44 12.22
C PRO A 81 10.69 18.90 11.81
N GLY A 82 11.25 19.33 10.66
CA GLY A 82 11.01 20.67 10.13
C GLY A 82 9.55 20.96 9.81
N LEU A 83 8.72 19.92 9.70
CA LEU A 83 7.29 20.07 9.42
C LEU A 83 6.41 19.88 10.65
N ILE A 84 6.99 19.51 11.79
CA ILE A 84 6.20 19.26 13.00
C ILE A 84 6.08 20.52 13.84
N PRO A 85 4.84 20.95 14.22
CA PRO A 85 4.72 22.11 15.12
C PRO A 85 5.40 21.80 16.45
N ASP A 86 6.20 22.73 16.97
CA ASP A 86 6.94 22.58 18.22
C ASP A 86 6.05 22.08 19.37
N ALA A 87 4.83 22.65 19.51
CA ALA A 87 3.92 22.29 20.60
C ALA A 87 3.46 20.83 20.57
N ASP A 88 3.59 20.15 19.43
CA ASP A 88 3.21 18.75 19.28
C ASP A 88 4.37 17.76 19.37
N ALA A 89 5.60 18.25 19.38
CA ALA A 89 6.79 17.39 19.35
C ALA A 89 7.02 16.61 20.63
N VAL A 90 6.77 17.19 21.82
CA VAL A 90 7.04 16.51 23.08
C VAL A 90 5.70 16.14 23.68
N GLY A 91 5.47 14.86 23.80
CA GLY A 91 4.20 14.34 24.29
C GLY A 91 3.63 13.33 23.32
N VAL A 92 2.33 13.12 23.43
CA VAL A 92 1.67 12.09 22.63
C VAL A 92 1.21 12.54 21.26
N THR A 93 1.52 11.75 20.23
CA THR A 93 0.98 11.95 18.89
C THR A 93 0.53 10.55 18.33
N VAL A 94 0.29 10.42 17.01
CA VAL A 94 -0.23 9.19 16.42
C VAL A 94 0.60 8.83 15.17
N VAL A 95 0.78 7.53 14.94
CA VAL A 95 1.36 6.97 13.72
C VAL A 95 0.32 5.94 13.20
N LEU A 96 0.10 5.90 11.89
CA LEU A 96 -0.90 5.04 11.28
C LEU A 96 -0.29 4.14 10.22
N ILE A 97 -0.82 2.94 10.09
CA ILE A 97 -0.52 2.04 9.01
C ILE A 97 -1.85 1.86 8.30
N THR A 98 -1.89 2.08 6.98
CA THR A 98 -3.12 1.87 6.23
C THR A 98 -2.88 0.91 5.07
N CYS A 99 -3.94 0.26 4.62
CA CYS A 99 -3.88 -0.54 3.41
C CYS A 99 -5.06 -0.17 2.50
N THR A 100 -4.80 -0.06 1.22
CA THR A 100 -5.78 0.37 0.22
C THR A 100 -5.84 -0.61 -0.93
N TYR A 101 -7.03 -0.83 -1.49
CA TYR A 101 -7.19 -1.75 -2.61
C TYR A 101 -8.10 -1.09 -3.61
N ARG A 102 -7.66 -0.99 -4.86
CA ARG A 102 -8.37 -0.32 -5.95
C ARG A 102 -8.82 1.11 -5.56
N GLY A 103 -7.92 1.83 -4.92
CA GLY A 103 -8.13 3.21 -4.49
C GLY A 103 -8.93 3.40 -3.22
N GLN A 104 -9.39 2.30 -2.61
CA GLN A 104 -10.23 2.36 -1.42
C GLN A 104 -9.48 1.85 -0.16
N GLU A 105 -9.36 2.69 0.86
CA GLU A 105 -8.74 2.31 2.13
C GLU A 105 -9.66 1.34 2.85
N PHE A 106 -9.16 0.17 3.23
CA PHE A 106 -9.99 -0.83 3.91
C PHE A 106 -9.57 -1.09 5.34
N ILE A 107 -8.38 -0.64 5.76
CA ILE A 107 -7.91 -0.84 7.11
C ILE A 107 -6.95 0.27 7.55
N ARG A 108 -7.05 0.67 8.81
CA ARG A 108 -6.18 1.65 9.42
C ARG A 108 -5.80 1.11 10.82
N VAL A 109 -4.49 1.00 11.09
CA VAL A 109 -3.99 0.57 12.39
C VAL A 109 -3.26 1.78 12.99
N GLY A 110 -3.78 2.31 14.09
CA GLY A 110 -3.21 3.47 14.72
C GLY A 110 -2.56 3.18 16.05
N TYR A 111 -1.47 3.90 16.32
CA TYR A 111 -0.79 3.80 17.59
C TYR A 111 -0.59 5.16 18.18
N TYR A 112 -0.74 5.29 19.51
CA TYR A 112 -0.32 6.50 20.19
C TYR A 112 1.24 6.38 20.28
N VAL A 113 1.93 7.50 20.13
CA VAL A 113 3.38 7.58 20.16
C VAL A 113 3.74 8.66 21.20
N ASN A 114 4.52 8.29 22.21
CA ASN A 114 4.93 9.23 23.23
C ASN A 114 6.40 9.62 22.97
N ASN A 115 6.63 10.88 22.58
CA ASN A 115 7.97 11.39 22.31
C ASN A 115 8.43 12.18 23.53
N GLU A 116 9.49 11.74 24.21
CA GLU A 116 9.95 12.41 25.42
C GLU A 116 11.48 12.42 25.51
N TYR A 117 12.02 13.36 26.25
CA TYR A 117 13.45 13.36 26.56
C TYR A 117 13.71 12.25 27.62
N THR A 118 14.92 11.70 27.65
CA THR A 118 15.30 10.70 28.65
C THR A 118 16.25 11.29 29.69
N GLU A 119 16.98 12.37 29.37
CA GLU A 119 17.85 13.03 30.33
C GLU A 119 16.96 13.80 31.30
N THR A 120 17.24 13.67 32.60
CA THR A 120 16.48 14.32 33.67
C THR A 120 16.43 15.84 33.53
N GLU A 121 17.57 16.45 33.23
CA GLU A 121 17.68 17.89 33.05
C GLU A 121 16.74 18.37 31.94
N LEU A 122 16.72 17.67 30.79
CA LEU A 122 15.87 18.04 29.68
C LEU A 122 14.40 17.80 29.97
N ARG A 123 14.06 16.73 30.71
CA ARG A 123 12.66 16.45 31.04
C ARG A 123 12.08 17.57 31.92
N GLU A 124 12.87 18.05 32.87
CA GLU A 124 12.43 19.09 33.80
C GLU A 124 12.55 20.48 33.21
N ASN A 125 13.54 20.71 32.34
CA ASN A 125 13.76 22.01 31.72
C ASN A 125 13.88 21.83 30.21
N PRO A 126 12.77 21.53 29.53
CA PRO A 126 12.86 21.27 28.08
C PRO A 126 13.28 22.51 27.30
N PRO A 127 14.09 22.32 26.25
CA PRO A 127 14.50 23.48 25.44
C PRO A 127 13.29 24.14 24.78
N VAL A 128 13.37 25.45 24.58
CA VAL A 128 12.34 26.30 23.99
C VAL A 128 11.86 25.72 22.65
N LYS A 129 12.81 25.27 21.82
CA LYS A 129 12.49 24.58 20.58
C LYS A 129 12.90 23.12 20.78
N PRO A 130 12.05 22.16 20.43
CA PRO A 130 12.40 20.75 20.67
C PRO A 130 13.71 20.31 20.03
N ASP A 131 14.48 19.48 20.75
CA ASP A 131 15.73 18.92 20.25
C ASP A 131 15.41 17.48 19.90
N PHE A 132 15.16 17.22 18.62
CA PHE A 132 14.77 15.91 18.13
C PHE A 132 15.87 14.86 18.25
N SER A 133 17.14 15.30 18.31
CA SER A 133 18.24 14.36 18.50
C SER A 133 18.27 13.78 19.93
N LYS A 134 17.53 14.39 20.88
CA LYS A 134 17.45 13.94 22.27
C LYS A 134 16.10 13.32 22.63
N LEU A 135 15.15 13.25 21.67
CA LEU A 135 13.84 12.66 21.92
C LEU A 135 13.87 11.16 21.71
N GLN A 136 13.22 10.45 22.62
CA GLN A 136 13.02 9.03 22.51
C GLN A 136 11.55 8.83 22.09
N ARG A 137 11.34 8.04 21.04
CA ARG A 137 10.04 7.67 20.55
C ARG A 137 9.61 6.37 21.25
N ASN A 138 8.46 6.38 21.91
CA ASN A 138 7.91 5.19 22.53
C ASN A 138 6.53 4.97 21.95
N ILE A 139 6.43 4.04 21.00
CA ILE A 139 5.15 3.68 20.40
C ILE A 139 4.40 2.81 21.41
N LEU A 140 3.14 3.16 21.69
CA LEU A 140 2.34 2.41 22.64
C LEU A 140 1.75 1.18 21.90
N ALA A 141 2.62 0.19 21.73
CA ALA A 141 2.45 -1.02 20.96
C ALA A 141 1.44 -2.00 21.49
N SER A 142 1.20 -2.05 22.81
CA SER A 142 0.20 -2.99 23.34
C SER A 142 -1.24 -2.48 23.12
N ASN A 143 -1.44 -1.26 22.60
CA ASN A 143 -2.78 -0.73 22.38
C ASN A 143 -3.05 -0.26 20.93
N PRO A 144 -2.95 -1.14 19.91
CA PRO A 144 -3.27 -0.68 18.54
C PRO A 144 -4.77 -0.42 18.40
N ARG A 145 -5.14 0.60 17.62
CA ARG A 145 -6.51 0.92 17.34
C ARG A 145 -6.74 0.50 15.91
N VAL A 146 -7.54 -0.54 15.71
CA VAL A 146 -7.79 -1.11 14.39
C VAL A 146 -9.15 -0.71 13.89
N THR A 147 -9.17 -0.05 12.72
CA THR A 147 -10.43 0.37 12.12
C THR A 147 -10.49 -0.22 10.72
N ARG A 148 -11.59 -0.88 10.40
CA ARG A 148 -11.81 -1.50 9.11
C ARG A 148 -12.93 -0.74 8.38
N PHE A 149 -12.82 -0.63 7.06
CA PHE A 149 -13.83 0.08 6.25
C PHE A 149 -14.37 -0.85 5.18
N HIS A 150 -15.66 -0.81 4.90
CA HIS A 150 -16.24 -1.66 3.86
C HIS A 150 -15.89 -1.07 2.50
N ILE A 151 -15.36 -1.89 1.62
CA ILE A 151 -14.98 -1.43 0.29
C ILE A 151 -15.50 -2.43 -0.76
N ASN A 152 -15.47 -2.03 -2.03
CA ASN A 152 -15.87 -2.93 -3.11
C ASN A 152 -14.60 -3.65 -3.60
N TRP A 153 -14.48 -4.93 -3.32
CA TRP A 153 -13.33 -5.75 -3.70
C TRP A 153 -13.38 -6.21 -5.18
N GLU A 154 -14.61 -6.19 -5.78
CA GLU A 154 -15.07 -6.49 -7.13
C GLU A 154 -16.02 -7.67 -7.13
N MET B 1 -13.82 19.69 5.00
CA MET B 1 -14.23 19.71 6.40
C MET B 1 -15.70 19.28 6.55
N ALA B 2 -15.97 18.33 7.45
CA ALA B 2 -17.32 17.82 7.69
C ALA B 2 -18.25 18.92 8.18
N LYS B 3 -19.43 19.02 7.56
CA LYS B 3 -20.43 20.03 7.94
C LYS B 3 -21.10 19.74 9.29
N VAL B 4 -21.06 18.48 9.75
CA VAL B 4 -21.61 18.10 11.04
C VAL B 4 -20.50 17.48 11.87
N GLN B 5 -20.35 17.94 13.12
CA GLN B 5 -19.34 17.39 14.03
C GLN B 5 -19.97 16.96 15.34
N VAL B 6 -19.90 15.68 15.68
CA VAL B 6 -20.46 15.18 16.93
C VAL B 6 -19.44 15.45 18.05
N ASN B 7 -19.86 16.17 19.08
CA ASN B 7 -18.96 16.60 20.15
C ASN B 7 -19.09 15.78 21.43
N ASN B 8 -20.22 15.11 21.63
CA ASN B 8 -20.45 14.38 22.87
C ASN B 8 -21.61 13.44 22.72
N VAL B 9 -21.55 12.34 23.46
CA VAL B 9 -22.64 11.39 23.60
C VAL B 9 -22.69 11.05 25.10
N VAL B 10 -23.87 11.21 25.72
CA VAL B 10 -24.07 10.84 27.11
C VAL B 10 -25.01 9.63 27.16
N VAL B 11 -24.59 8.52 27.79
CA VAL B 11 -25.42 7.34 27.92
C VAL B 11 -26.33 7.51 29.12
N LEU B 12 -27.64 7.50 28.92
CA LEU B 12 -28.60 7.71 30.01
C LEU B 12 -29.17 6.38 30.53
N ASP B 13 -29.80 6.38 31.74
CA ASP B 13 -30.44 5.18 32.35
C ASP B 13 -29.52 3.96 32.27
N ASN B 14 -28.32 4.11 32.81
CA ASN B 14 -27.31 3.08 32.73
C ASN B 14 -26.63 2.89 34.10
N PRO B 15 -26.54 1.66 34.64
CA PRO B 15 -27.06 0.40 34.07
C PRO B 15 -28.58 0.28 34.17
N SER B 16 -29.17 -0.74 33.56
CA SER B 16 -30.62 -0.91 33.53
C SER B 16 -30.99 -2.36 33.18
N PRO B 17 -32.26 -2.80 33.41
CA PRO B 17 -32.65 -4.13 32.91
C PRO B 17 -32.43 -4.23 31.39
N PHE B 18 -32.10 -5.41 30.87
CA PHE B 18 -31.90 -5.66 29.44
C PHE B 18 -33.10 -5.13 28.60
N TYR B 19 -34.33 -5.30 29.10
CA TYR B 19 -35.55 -4.93 28.38
C TYR B 19 -35.84 -3.44 28.33
N ASN B 20 -35.09 -2.60 29.09
CA ASN B 20 -35.33 -1.17 29.03
C ASN B 20 -34.80 -0.64 27.70
N PRO B 21 -35.46 0.39 27.16
CA PRO B 21 -34.95 1.00 25.93
C PRO B 21 -33.57 1.67 26.15
N PHE B 22 -32.80 1.78 25.07
CA PHE B 22 -31.55 2.53 25.05
C PHE B 22 -31.90 4.03 25.03
N GLN B 23 -31.10 4.88 25.70
CA GLN B 23 -31.32 6.32 25.73
C GLN B 23 -29.98 7.01 25.65
N PHE B 24 -29.78 7.85 24.63
CA PHE B 24 -28.52 8.57 24.44
C PHE B 24 -28.82 10.03 24.20
N GLU B 25 -28.02 10.91 24.77
CA GLU B 25 -28.14 12.33 24.52
C GLU B 25 -26.89 12.70 23.66
N ILE B 26 -27.13 13.13 22.43
CA ILE B 26 -26.08 13.47 21.50
C ILE B 26 -25.95 14.98 21.26
N THR B 27 -24.73 15.51 21.35
CA THR B 27 -24.46 16.92 21.10
C THR B 27 -23.64 17.01 19.82
N PHE B 28 -24.07 17.86 18.90
CA PHE B 28 -23.35 18.04 17.64
C PHE B 28 -23.38 19.50 17.18
N GLU B 29 -22.44 19.85 16.32
CA GLU B 29 -22.34 21.19 15.78
C GLU B 29 -22.52 21.11 14.27
N CYS B 30 -23.34 21.99 13.72
CA CYS B 30 -23.52 22.12 12.29
C CYS B 30 -22.78 23.39 11.89
N ILE B 31 -21.73 23.25 11.09
CA ILE B 31 -20.88 24.35 10.62
C ILE B 31 -21.66 25.27 9.64
N GLU B 32 -22.60 24.70 8.88
CA GLU B 32 -23.46 25.47 7.99
C GLU B 32 -24.78 24.77 7.77
N ASP B 33 -25.83 25.52 7.38
CA ASP B 33 -27.16 24.96 7.13
C ASP B 33 -27.12 23.79 6.15
N LEU B 34 -27.77 22.67 6.52
CA LEU B 34 -27.85 21.53 5.63
C LEU B 34 -29.14 21.62 4.84
N SER B 35 -29.08 21.22 3.56
CA SER B 35 -30.29 21.23 2.74
C SER B 35 -31.16 19.96 2.98
N GLU B 36 -30.60 18.91 3.60
CA GLU B 36 -31.33 17.67 3.89
C GLU B 36 -31.27 17.28 5.37
N ASP B 37 -32.09 16.28 5.79
CA ASP B 37 -32.13 15.79 7.18
C ASP B 37 -30.95 14.87 7.53
N LEU B 38 -30.72 14.69 8.84
CA LEU B 38 -29.73 13.73 9.32
C LEU B 38 -30.49 12.44 9.68
N GLU B 39 -29.95 11.28 9.30
CA GLU B 39 -30.60 10.02 9.64
C GLU B 39 -29.83 9.35 10.76
N TRP B 40 -30.44 9.24 11.94
CA TRP B 40 -29.81 8.63 13.10
C TRP B 40 -30.27 7.19 13.28
N LYS B 41 -29.36 6.28 13.61
CA LYS B 41 -29.70 4.89 13.84
C LYS B 41 -29.04 4.36 15.09
N ILE B 42 -29.69 3.39 15.73
CA ILE B 42 -29.11 2.66 16.84
C ILE B 42 -29.11 1.21 16.37
N ILE B 43 -27.93 0.58 16.31
CA ILE B 43 -27.77 -0.77 15.84
C ILE B 43 -27.19 -1.67 16.95
N TYR B 44 -27.87 -2.78 17.23
CA TYR B 44 -27.38 -3.71 18.22
C TYR B 44 -26.65 -4.86 17.57
N VAL B 45 -25.46 -5.16 18.06
CA VAL B 45 -24.70 -6.31 17.54
C VAL B 45 -25.11 -7.55 18.35
N GLY B 46 -26.03 -8.33 17.80
CA GLY B 46 -26.50 -9.53 18.46
C GLY B 46 -25.40 -10.56 18.58
N SER B 47 -24.41 -10.56 17.64
CA SER B 47 -23.32 -11.53 17.70
C SER B 47 -22.02 -10.98 17.15
N ALA B 48 -20.95 -10.98 17.96
CA ALA B 48 -19.64 -10.55 17.47
C ALA B 48 -19.03 -11.57 16.47
N GLU B 49 -19.61 -12.78 16.35
CA GLU B 49 -19.16 -13.80 15.43
C GLU B 49 -19.80 -13.67 14.04
N SER B 50 -20.90 -12.87 13.88
CA SER B 50 -21.54 -12.72 12.56
C SER B 50 -22.40 -11.48 12.47
N GLU B 51 -22.16 -10.64 11.42
CA GLU B 51 -22.96 -9.41 11.19
C GLU B 51 -24.41 -9.68 10.85
N GLU B 52 -24.74 -10.93 10.48
CA GLU B 52 -26.12 -11.32 10.20
C GLU B 52 -27.05 -11.13 11.39
N TYR B 53 -26.53 -11.02 12.60
CA TYR B 53 -27.36 -10.85 13.81
C TYR B 53 -27.49 -9.40 14.28
N ASP B 54 -27.11 -8.42 13.42
CA ASP B 54 -27.25 -7.02 13.77
C ASP B 54 -28.72 -6.67 13.72
N GLN B 55 -29.19 -5.88 14.68
CA GLN B 55 -30.59 -5.46 14.71
C GLN B 55 -30.65 -3.94 14.68
N VAL B 56 -31.35 -3.37 13.70
CA VAL B 56 -31.52 -1.92 13.66
C VAL B 56 -32.65 -1.66 14.63
N LEU B 57 -32.30 -1.11 15.81
CA LEU B 57 -33.28 -0.85 16.86
C LEU B 57 -34.13 0.35 16.57
N ASP B 58 -33.57 1.37 15.94
CA ASP B 58 -34.31 2.56 15.58
C ASP B 58 -33.63 3.30 14.47
N SER B 59 -34.43 4.00 13.69
CA SER B 59 -34.00 4.80 12.56
C SER B 59 -34.90 6.05 12.57
N VAL B 60 -34.31 7.25 12.60
CA VAL B 60 -35.10 8.48 12.65
C VAL B 60 -34.49 9.59 11.77
N LEU B 61 -35.33 10.24 10.97
CA LEU B 61 -34.92 11.33 10.08
C LEU B 61 -35.26 12.67 10.78
N VAL B 62 -34.23 13.40 11.17
CA VAL B 62 -34.37 14.66 11.90
C VAL B 62 -33.79 15.84 11.12
N GLY B 63 -34.63 16.80 10.88
CA GLY B 63 -34.28 18.03 10.17
C GLY B 63 -35.47 18.94 10.04
N PRO B 64 -35.33 20.14 9.41
CA PRO B 64 -34.12 20.71 8.80
C PRO B 64 -33.03 21.03 9.82
N VAL B 65 -31.75 20.95 9.41
CA VAL B 65 -30.68 21.22 10.37
C VAL B 65 -30.00 22.57 10.12
N PRO B 66 -30.32 23.61 10.90
CA PRO B 66 -29.64 24.90 10.73
C PRO B 66 -28.24 24.88 11.36
N ALA B 67 -27.43 25.86 11.00
CA ALA B 67 -26.08 26.00 11.56
C ALA B 67 -26.16 26.25 13.08
N GLY B 68 -25.19 25.74 13.83
CA GLY B 68 -25.16 25.94 15.28
C GLY B 68 -25.05 24.66 16.08
N ARG B 69 -25.15 24.79 17.39
CA ARG B 69 -25.06 23.67 18.30
C ARG B 69 -26.44 23.03 18.50
N HIS B 70 -26.50 21.69 18.45
CA HIS B 70 -27.74 20.95 18.61
C HIS B 70 -27.57 19.84 19.61
N MET B 71 -28.69 19.45 20.23
CA MET B 71 -28.72 18.34 21.18
C MET B 71 -29.91 17.41 20.83
N PHE B 72 -29.71 16.10 20.90
CA PHE B 72 -30.71 15.11 20.49
C PHE B 72 -30.81 13.95 21.49
N VAL B 73 -31.98 13.78 22.14
CA VAL B 73 -32.18 12.66 23.06
C VAL B 73 -32.88 11.59 22.25
N PHE B 74 -32.13 10.54 21.98
CA PHE B 74 -32.49 9.43 21.11
C PHE B 74 -32.81 8.18 21.94
N GLN B 75 -34.05 7.67 21.85
CA GLN B 75 -34.46 6.44 22.52
C GLN B 75 -34.81 5.33 21.49
N ALA B 76 -34.34 4.10 21.74
CA ALA B 76 -34.62 2.94 20.89
C ALA B 76 -35.00 1.77 21.76
N ASP B 77 -35.99 0.96 21.35
CA ASP B 77 -36.35 -0.23 22.14
C ASP B 77 -35.18 -1.23 22.22
N ALA B 78 -35.17 -2.04 23.27
CA ALA B 78 -34.19 -3.10 23.45
C ALA B 78 -34.26 -4.10 22.27
N PRO B 79 -33.18 -4.84 21.98
CA PRO B 79 -33.25 -5.83 20.88
C PRO B 79 -34.21 -6.99 21.17
N ASN B 80 -34.58 -7.69 20.10
CA ASN B 80 -35.44 -8.87 20.16
C ASN B 80 -34.53 -10.03 20.58
N PRO B 81 -34.72 -10.57 21.81
CA PRO B 81 -33.87 -11.69 22.24
C PRO B 81 -34.01 -12.98 21.39
N GLY B 82 -35.14 -13.12 20.70
CA GLY B 82 -35.37 -14.26 19.81
C GLY B 82 -34.41 -14.32 18.63
N LEU B 83 -33.70 -13.22 18.34
CA LEU B 83 -32.72 -13.20 17.26
C LEU B 83 -31.27 -13.25 17.76
N ILE B 84 -31.06 -13.26 19.08
CA ILE B 84 -29.71 -13.24 19.63
C ILE B 84 -29.22 -14.67 19.89
N PRO B 85 -28.03 -15.08 19.37
CA PRO B 85 -27.50 -16.40 19.73
C PRO B 85 -27.26 -16.47 21.23
N ASP B 86 -27.67 -17.56 21.86
CA ASP B 86 -27.57 -17.77 23.31
C ASP B 86 -26.15 -17.52 23.83
N ALA B 87 -25.13 -18.01 23.09
CA ALA B 87 -23.73 -17.88 23.51
C ALA B 87 -23.26 -16.43 23.58
N ASP B 88 -23.97 -15.49 22.95
CA ASP B 88 -23.61 -14.07 22.95
C ASP B 88 -24.42 -13.23 23.95
N ALA B 89 -25.45 -13.79 24.56
CA ALA B 89 -26.36 -13.06 25.44
C ALA B 89 -25.76 -12.64 26.75
N VAL B 90 -24.95 -13.48 27.40
CA VAL B 90 -24.36 -13.20 28.70
C VAL B 90 -22.89 -12.92 28.48
N GLY B 91 -22.47 -11.71 28.79
CA GLY B 91 -21.10 -11.28 28.56
C GLY B 91 -21.12 -9.98 27.77
N VAL B 92 -20.02 -9.68 27.10
CA VAL B 92 -19.89 -8.44 26.36
C VAL B 92 -20.33 -8.53 24.91
N THR B 93 -21.10 -7.54 24.45
CA THR B 93 -21.43 -7.36 23.03
C THR B 93 -21.26 -5.82 22.69
N VAL B 94 -21.83 -5.34 21.57
CA VAL B 94 -21.64 -3.96 21.14
C VAL B 94 -23.00 -3.34 20.74
N VAL B 95 -23.15 -2.03 20.98
CA VAL B 95 -24.26 -1.23 20.49
C VAL B 95 -23.61 -0.05 19.71
N LEU B 96 -24.23 0.37 18.60
CA LEU B 96 -23.71 1.43 17.75
C LEU B 96 -24.74 2.53 17.52
N ILE B 97 -24.26 3.75 17.40
CA ILE B 97 -25.06 4.90 17.02
C ILE B 97 -24.44 5.35 15.72
N THR B 98 -25.23 5.51 14.65
CA THR B 98 -24.69 6.03 13.40
C THR B 98 -25.47 7.25 12.94
N CYS B 99 -24.80 8.11 12.17
CA CYS B 99 -25.48 9.23 11.53
C CYS B 99 -25.12 9.25 10.05
N THR B 100 -26.14 9.47 9.22
CA THR B 100 -26.08 9.42 7.76
C THR B 100 -26.61 10.71 7.17
N TYR B 101 -25.94 11.21 6.12
CA TYR B 101 -26.36 12.41 5.45
C TYR B 101 -26.41 12.08 3.97
N ARG B 102 -27.61 12.17 3.34
CA ARG B 102 -27.80 11.91 1.92
C ARG B 102 -27.32 10.51 1.50
N GLY B 103 -27.66 9.52 2.29
CA GLY B 103 -27.31 8.13 2.04
C GLY B 103 -25.90 7.74 2.42
N GLN B 104 -25.09 8.68 2.92
CA GLN B 104 -23.71 8.43 3.30
C GLN B 104 -23.49 8.47 4.81
N GLU B 105 -23.07 7.36 5.41
CA GLU B 105 -22.78 7.30 6.84
C GLU B 105 -21.48 8.07 7.10
N PHE B 106 -21.51 9.04 8.01
CA PHE B 106 -20.31 9.85 8.29
C PHE B 106 -19.74 9.63 9.69
N ILE B 107 -20.49 8.99 10.58
CA ILE B 107 -20.02 8.72 11.94
C ILE B 107 -20.68 7.47 12.53
N ARG B 108 -19.90 6.72 13.32
CA ARG B 108 -20.33 5.53 14.02
C ARG B 108 -19.72 5.60 15.42
N VAL B 109 -20.55 5.57 16.45
CA VAL B 109 -20.11 5.62 17.85
C VAL B 109 -20.46 4.25 18.44
N GLY B 110 -19.44 3.51 18.85
CA GLY B 110 -19.65 2.18 19.42
C GLY B 110 -19.40 2.09 20.91
N TYR B 111 -20.16 1.25 21.58
CA TYR B 111 -19.95 0.99 23.00
C TYR B 111 -19.92 -0.51 23.25
N TYR B 112 -19.09 -0.98 24.17
CA TYR B 112 -19.16 -2.34 24.65
C TYR B 112 -20.35 -2.34 25.63
N VAL B 113 -21.09 -3.44 25.66
CA VAL B 113 -22.26 -3.62 26.50
C VAL B 113 -22.10 -4.93 27.26
N ASN B 114 -22.07 -4.85 28.58
CA ASN B 114 -21.93 -6.03 29.40
C ASN B 114 -23.33 -6.42 29.97
N ASN B 115 -23.84 -7.59 29.56
CA ASN B 115 -25.13 -8.11 29.98
C ASN B 115 -24.86 -9.25 30.93
N GLU B 116 -25.24 -9.08 32.20
CA GLU B 116 -24.97 -10.08 33.22
C GLU B 116 -26.15 -10.22 34.18
N TYR B 117 -26.23 -11.37 34.86
CA TYR B 117 -27.22 -11.56 35.90
C TYR B 117 -26.74 -10.80 37.15
N THR B 118 -27.67 -10.36 38.00
CA THR B 118 -27.33 -9.69 39.26
C THR B 118 -27.55 -10.60 40.48
N GLU B 119 -28.41 -11.61 40.35
CA GLU B 119 -28.63 -12.56 41.43
C GLU B 119 -27.43 -13.48 41.47
N THR B 120 -26.89 -13.71 42.67
CA THR B 120 -25.71 -14.55 42.91
C THR B 120 -25.89 -15.98 42.39
N GLU B 121 -27.07 -16.58 42.66
CA GLU B 121 -27.39 -17.92 42.21
C GLU B 121 -27.30 -18.04 40.70
N LEU B 122 -27.85 -17.06 39.97
CA LEU B 122 -27.82 -17.06 38.51
C LEU B 122 -26.42 -16.80 37.97
N ARG B 123 -25.63 -15.95 38.62
CA ARG B 123 -24.27 -15.65 38.14
C ARG B 123 -23.41 -16.91 38.21
N GLU B 124 -23.55 -17.70 39.30
CA GLU B 124 -22.76 -18.90 39.50
C GLU B 124 -23.32 -20.11 38.75
N ASN B 125 -24.65 -20.17 38.59
CA ASN B 125 -25.30 -21.27 37.88
C ASN B 125 -26.24 -20.69 36.83
N PRO B 126 -25.69 -20.15 35.73
CA PRO B 126 -26.57 -19.52 34.71
C PRO B 126 -27.47 -20.53 34.02
N PRO B 127 -28.72 -20.13 33.73
CA PRO B 127 -29.63 -21.08 33.05
C PRO B 127 -29.07 -21.48 31.67
N VAL B 128 -29.40 -22.68 31.23
CA VAL B 128 -28.99 -23.27 29.95
C VAL B 128 -29.30 -22.34 28.80
N LYS B 129 -30.51 -21.77 28.79
CA LYS B 129 -30.89 -20.75 27.81
C LYS B 129 -30.99 -19.42 28.57
N PRO B 130 -30.40 -18.34 28.07
CA PRO B 130 -30.42 -17.08 28.82
C PRO B 130 -31.82 -16.58 29.17
N ASP B 131 -31.95 -16.03 30.39
CA ASP B 131 -33.22 -15.44 30.84
C ASP B 131 -33.01 -13.93 30.75
N PHE B 132 -33.52 -13.33 29.69
CA PHE B 132 -33.38 -11.91 29.42
C PHE B 132 -34.12 -11.02 30.43
N SER B 133 -35.14 -11.55 31.12
CA SER B 133 -35.84 -10.79 32.15
C SER B 133 -34.98 -10.64 33.43
N LYS B 134 -33.88 -11.39 33.56
CA LYS B 134 -32.99 -11.34 34.72
C LYS B 134 -31.63 -10.71 34.38
N LEU B 135 -31.40 -10.28 33.12
CA LEU B 135 -30.14 -9.69 32.73
C LEU B 135 -30.14 -8.19 32.93
N GLN B 136 -29.05 -7.69 33.47
CA GLN B 136 -28.81 -6.27 33.61
C GLN B 136 -27.84 -5.86 32.52
N ARG B 137 -28.18 -4.79 31.81
CA ARG B 137 -27.35 -4.21 30.78
C ARG B 137 -26.49 -3.12 31.39
N ASN B 138 -25.18 -3.22 31.20
CA ASN B 138 -24.26 -2.19 31.65
C ASN B 138 -23.43 -1.73 30.45
N ILE B 139 -23.80 -0.60 29.88
CA ILE B 139 -23.07 -0.01 28.77
C ILE B 139 -21.78 0.60 29.32
N LEU B 140 -20.64 0.28 28.68
CA LEU B 140 -19.34 0.82 29.12
C LEU B 140 -19.17 2.23 28.53
N ALA B 141 -19.89 3.17 29.13
CA ALA B 141 -20.05 4.56 28.73
C ALA B 141 -18.78 5.40 28.74
N SER B 142 -17.80 5.08 29.61
CA SER B 142 -16.57 5.89 29.64
C SER B 142 -15.62 5.52 28.49
N ASN B 143 -15.92 4.46 27.69
CA ASN B 143 -15.04 4.07 26.60
C ASN B 143 -15.72 4.04 25.20
N PRO B 144 -16.30 5.16 24.70
CA PRO B 144 -16.87 5.12 23.34
C PRO B 144 -15.78 4.97 22.28
N ARG B 145 -16.10 4.31 21.18
CA ARG B 145 -15.19 4.17 20.05
C ARG B 145 -15.81 4.97 18.95
N VAL B 146 -15.15 6.02 18.52
CA VAL B 146 -15.70 6.95 17.54
C VAL B 146 -15.01 6.78 16.21
N THR B 147 -15.76 6.46 15.16
CA THR B 147 -15.20 6.30 13.83
C THR B 147 -15.90 7.29 12.91
N ARG B 148 -15.12 8.09 12.18
CA ARG B 148 -15.65 9.08 11.26
C ARG B 148 -15.31 8.65 9.82
N PHE B 149 -16.20 8.93 8.87
CA PHE B 149 -16.00 8.55 7.47
C PHE B 149 -16.09 9.79 6.58
N HIS B 150 -15.24 9.85 5.54
CA HIS B 150 -15.28 10.98 4.63
C HIS B 150 -16.47 10.83 3.70
N ILE B 151 -17.31 11.85 3.62
CA ILE B 151 -18.47 11.82 2.74
C ILE B 151 -18.52 13.11 1.89
N ASN B 152 -19.42 13.14 0.89
CA ASN B 152 -19.60 14.34 0.08
C ASN B 152 -20.72 15.16 0.74
N TRP B 153 -20.34 16.30 1.33
CA TRP B 153 -21.26 17.20 2.00
C TRP B 153 -21.97 18.20 1.07
N GLU B 154 -21.78 18.05 -0.27
CA GLU B 154 -22.38 18.81 -1.38
C GLU B 154 -21.38 19.75 -2.00
N MET C 1 28.68 -22.54 6.11
CA MET C 1 27.43 -22.17 5.45
C MET C 1 26.88 -20.86 6.01
N ALA C 2 26.55 -19.90 5.12
CA ALA C 2 25.98 -18.60 5.48
C ALA C 2 24.67 -18.75 6.24
N LYS C 3 24.55 -18.08 7.39
CA LYS C 3 23.33 -18.15 8.21
C LYS C 3 22.16 -17.40 7.60
N VAL C 4 22.43 -16.42 6.72
CA VAL C 4 21.38 -15.66 6.05
C VAL C 4 21.56 -15.81 4.56
N GLN C 5 20.47 -16.11 3.84
CA GLN C 5 20.50 -16.28 2.39
C GLN C 5 19.42 -15.40 1.77
N VAL C 6 19.79 -14.44 0.91
CA VAL C 6 18.82 -13.61 0.23
C VAL C 6 18.30 -14.39 -0.97
N ASN C 7 16.99 -14.54 -1.08
CA ASN C 7 16.37 -15.32 -2.14
C ASN C 7 15.78 -14.49 -3.27
N ASN C 8 15.41 -13.26 -2.98
CA ASN C 8 14.77 -12.41 -3.98
C ASN C 8 14.78 -10.95 -3.57
N VAL C 9 14.80 -10.08 -4.57
CA VAL C 9 14.65 -8.63 -4.42
C VAL C 9 13.70 -8.19 -5.52
N VAL C 10 12.62 -7.48 -5.15
CA VAL C 10 11.65 -6.94 -6.10
C VAL C 10 11.77 -5.41 -6.06
N VAL C 11 11.98 -4.78 -7.23
CA VAL C 11 12.07 -3.34 -7.32
C VAL C 11 10.69 -2.77 -7.43
N LEU C 12 10.27 -2.02 -6.40
CA LEU C 12 8.91 -1.47 -6.35
C LEU C 12 8.86 -0.06 -6.90
N ASP C 13 7.66 0.37 -7.32
CA ASP C 13 7.41 1.74 -7.78
C ASP C 13 8.48 2.25 -8.79
N ASN C 14 8.66 1.53 -9.91
CA ASN C 14 9.67 1.76 -10.94
C ASN C 14 9.04 1.66 -12.34
N PRO C 15 9.26 2.63 -13.25
CA PRO C 15 10.06 3.87 -13.07
C PRO C 15 9.34 4.89 -12.19
N SER C 16 10.02 5.99 -11.88
CA SER C 16 9.46 7.01 -11.01
C SER C 16 10.20 8.34 -11.18
N PRO C 17 9.63 9.48 -10.74
CA PRO C 17 10.43 10.72 -10.72
C PRO C 17 11.72 10.53 -9.90
N PHE C 18 12.80 11.23 -10.27
CA PHE C 18 14.10 11.18 -9.58
C PHE C 18 13.93 11.40 -8.07
N TYR C 19 13.06 12.34 -7.68
CA TYR C 19 12.86 12.73 -6.29
C TYR C 19 12.09 11.74 -5.43
N ASN C 20 11.48 10.74 -6.06
CA ASN C 20 10.74 9.75 -5.29
C ASN C 20 11.73 8.81 -4.60
N PRO C 21 11.33 8.27 -3.44
CA PRO C 21 12.23 7.36 -2.74
C PRO C 21 12.38 6.01 -3.47
N PHE C 22 13.50 5.34 -3.24
CA PHE C 22 13.72 3.96 -3.71
C PHE C 22 12.89 3.03 -2.83
N GLN C 23 12.37 1.95 -3.41
CA GLN C 23 11.57 0.97 -2.67
C GLN C 23 11.92 -0.45 -3.12
N PHE C 24 12.31 -1.31 -2.20
CA PHE C 24 12.68 -2.69 -2.54
C PHE C 24 12.01 -3.64 -1.57
N GLU C 25 11.53 -4.77 -2.07
CA GLU C 25 10.99 -5.81 -1.22
C GLU C 25 12.02 -6.94 -1.26
N ILE C 26 12.63 -7.24 -0.11
CA ILE C 26 13.65 -8.27 0.01
C ILE C 26 13.16 -9.52 0.75
N THR C 27 13.39 -10.70 0.17
CA THR C 27 13.04 -11.97 0.78
C THR C 27 14.33 -12.68 1.15
N PHE C 28 14.45 -13.12 2.40
CA PHE C 28 15.63 -13.83 2.84
C PHE C 28 15.29 -14.96 3.80
N GLU C 29 16.20 -15.92 3.94
CA GLU C 29 16.02 -17.06 4.80
C GLU C 29 17.10 -17.04 5.87
N CYS C 30 16.72 -17.25 7.12
CA CYS C 30 17.65 -17.37 8.22
C CYS C 30 17.69 -18.84 8.57
N ILE C 31 18.84 -19.48 8.39
CA ILE C 31 19.06 -20.89 8.65
C ILE C 31 18.99 -21.21 10.16
N GLU C 32 19.41 -20.26 11.00
CA GLU C 32 19.31 -20.39 12.45
C GLU C 32 19.17 -19.02 13.12
N ASP C 33 18.62 -18.97 14.35
CA ASP C 33 18.46 -17.72 15.10
C ASP C 33 19.76 -16.94 15.21
N LEU C 34 19.73 -15.65 14.91
CA LEU C 34 20.93 -14.81 14.99
C LEU C 34 20.97 -14.13 16.34
N SER C 35 22.16 -14.03 16.93
CA SER C 35 22.32 -13.35 18.20
C SER C 35 22.43 -11.82 18.02
N GLU C 36 22.75 -11.34 16.80
CA GLU C 36 22.87 -9.91 16.52
C GLU C 36 21.94 -9.47 15.36
N ASP C 37 21.76 -8.14 15.21
CA ASP C 37 20.89 -7.59 14.16
C ASP C 37 21.58 -7.60 12.79
N LEU C 38 20.77 -7.48 11.72
CA LEU C 38 21.24 -7.38 10.35
C LEU C 38 21.22 -5.90 9.97
N GLU C 39 22.34 -5.40 9.40
CA GLU C 39 22.38 -4.01 9.00
C GLU C 39 22.21 -3.89 7.51
N TRP C 40 21.08 -3.31 7.08
CA TRP C 40 20.75 -3.15 5.68
C TRP C 40 21.05 -1.74 5.23
N LYS C 41 21.66 -1.58 4.05
CA LYS C 41 21.96 -0.25 3.51
C LYS C 41 21.56 -0.14 2.07
N ILE C 42 21.22 1.07 1.66
CA ILE C 42 20.99 1.40 0.25
C ILE C 42 22.01 2.49 -0.05
N ILE C 43 22.91 2.23 -1.01
CA ILE C 43 23.98 3.14 -1.38
C ILE C 43 23.84 3.60 -2.82
N TYR C 44 23.84 4.92 -3.05
CA TYR C 44 23.73 5.47 -4.38
C TYR C 44 25.10 5.87 -4.89
N VAL C 45 25.47 5.44 -6.10
CA VAL C 45 26.75 5.84 -6.69
C VAL C 45 26.52 7.14 -7.46
N GLY C 46 26.83 8.27 -6.84
CA GLY C 46 26.64 9.59 -7.44
C GLY C 46 27.53 9.83 -8.65
N SER C 47 28.69 9.14 -8.68
CA SER C 47 29.61 9.29 -9.79
C SER C 47 30.38 8.01 -10.06
N ALA C 48 30.29 7.49 -11.28
CA ALA C 48 31.08 6.31 -11.64
C ALA C 48 32.59 6.65 -11.76
N GLU C 49 32.97 7.94 -11.78
CA GLU C 49 34.37 8.38 -11.86
C GLU C 49 35.05 8.44 -10.49
N SER C 50 34.29 8.46 -9.38
CA SER C 50 34.88 8.52 -8.04
C SER C 50 33.93 8.01 -6.94
N GLU C 51 34.44 7.11 -6.08
CA GLU C 51 33.69 6.58 -4.94
C GLU C 51 33.38 7.63 -3.87
N GLU C 52 34.07 8.78 -3.90
CA GLU C 52 33.83 9.88 -2.98
C GLU C 52 32.42 10.46 -3.11
N TYR C 53 31.71 10.19 -4.21
CA TYR C 53 30.35 10.71 -4.41
C TYR C 53 29.24 9.70 -4.01
N ASP C 54 29.62 8.59 -3.34
CA ASP C 54 28.65 7.60 -2.88
C ASP C 54 27.81 8.23 -1.79
N GLN C 55 26.50 7.99 -1.81
CA GLN C 55 25.62 8.52 -0.79
C GLN C 55 24.93 7.33 -0.13
N VAL C 56 25.06 7.19 1.20
CA VAL C 56 24.37 6.15 1.93
C VAL C 56 22.98 6.72 2.11
N LEU C 57 22.01 6.21 1.33
CA LEU C 57 20.65 6.72 1.38
C LEU C 57 19.91 6.28 2.61
N ASP C 58 20.16 5.05 3.07
CA ASP C 58 19.52 4.55 4.26
C ASP C 58 20.30 3.44 4.88
N SER C 59 20.17 3.32 6.19
CA SER C 59 20.83 2.33 7.01
C SER C 59 19.79 1.89 8.10
N VAL C 60 19.51 0.57 8.21
CA VAL C 60 18.52 0.11 9.19
C VAL C 60 18.95 -1.22 9.83
N LEU C 61 19.01 -1.24 11.16
CA LEU C 61 19.35 -2.38 11.97
C LEU C 61 18.06 -3.15 12.27
N VAL C 62 17.98 -4.40 11.79
CA VAL C 62 16.80 -5.24 11.95
C VAL C 62 17.11 -6.44 12.81
N GLY C 63 16.42 -6.60 13.94
CA GLY C 63 16.63 -7.73 14.83
C GLY C 63 15.85 -7.68 16.14
N PRO C 64 15.87 -8.78 16.95
CA PRO C 64 16.51 -10.08 16.72
C PRO C 64 15.88 -10.84 15.55
N VAL C 65 16.69 -11.60 14.80
CA VAL C 65 16.20 -12.31 13.63
C VAL C 65 16.06 -13.81 13.90
N PRO C 66 14.82 -14.31 14.01
CA PRO C 66 14.64 -15.74 14.22
C PRO C 66 14.82 -16.57 12.95
N ALA C 67 15.00 -17.87 13.09
CA ALA C 67 15.16 -18.78 11.96
C ALA C 67 13.87 -18.79 11.12
N GLY C 68 13.99 -18.95 9.81
CA GLY C 68 12.84 -18.99 8.92
C GLY C 68 12.89 -17.98 7.79
N ARG C 69 11.81 -17.90 7.03
CA ARG C 69 11.69 -17.01 5.88
C ARG C 69 11.19 -15.63 6.32
N HIS C 70 11.84 -14.58 5.85
CA HIS C 70 11.49 -13.20 6.18
C HIS C 70 11.36 -12.35 4.94
N MET C 71 10.51 -11.33 5.02
CA MET C 71 10.29 -10.39 3.93
C MET C 71 10.33 -8.97 4.50
N PHE C 72 10.97 -8.07 3.79
CA PHE C 72 11.20 -6.72 4.27
C PHE C 72 11.03 -5.70 3.15
N VAL C 73 10.15 -4.71 3.33
CA VAL C 73 10.00 -3.63 2.35
C VAL C 73 10.82 -2.44 2.89
N PHE C 74 11.90 -2.14 2.19
CA PHE C 74 12.88 -1.13 2.53
C PHE C 74 12.70 0.08 1.61
N GLN C 75 12.57 1.22 2.21
CA GLN C 75 12.48 2.47 1.48
C GLN C 75 13.68 3.38 1.85
N ALA C 76 14.26 4.04 0.84
CA ALA C 76 15.30 5.03 1.10
C ALA C 76 15.02 6.30 0.29
N ASP C 77 15.23 7.49 0.88
CA ASP C 77 15.01 8.72 0.15
C ASP C 77 15.95 8.84 -1.06
N ALA C 78 15.54 9.58 -2.06
CA ALA C 78 16.34 9.83 -3.27
C ALA C 78 17.65 10.52 -2.88
N PRO C 79 18.72 10.38 -3.68
CA PRO C 79 19.98 11.07 -3.33
C PRO C 79 19.84 12.60 -3.39
N ASN C 80 20.75 13.29 -2.71
CA ASN C 80 20.83 14.73 -2.67
C ASN C 80 21.48 15.16 -3.98
N PRO C 81 20.73 15.82 -4.88
CA PRO C 81 21.33 16.26 -6.15
C PRO C 81 22.46 17.29 -6.02
N GLY C 82 22.51 18.01 -4.90
CA GLY C 82 23.57 18.96 -4.62
C GLY C 82 24.95 18.32 -4.48
N LEU C 83 25.00 16.99 -4.30
CA LEU C 83 26.26 16.27 -4.19
C LEU C 83 26.62 15.49 -5.47
N ILE C 84 25.75 15.50 -6.49
CA ILE C 84 25.98 14.75 -7.72
C ILE C 84 26.65 15.62 -8.74
N PRO C 85 27.79 15.19 -9.33
CA PRO C 85 28.41 15.99 -10.39
C PRO C 85 27.41 16.13 -11.57
N ASP C 86 27.26 17.35 -12.12
CA ASP C 86 26.32 17.60 -13.24
C ASP C 86 26.49 16.60 -14.41
N ALA C 87 27.73 16.26 -14.77
CA ALA C 87 28.04 15.33 -15.87
C ALA C 87 27.54 13.92 -15.65
N ASP C 88 27.27 13.54 -14.38
CA ASP C 88 26.76 12.21 -14.03
C ASP C 88 25.28 12.14 -13.80
N ALA C 89 24.57 13.28 -13.79
CA ALA C 89 23.14 13.31 -13.51
C ALA C 89 22.25 12.66 -14.57
N VAL C 90 22.56 12.90 -15.85
CA VAL C 90 21.74 12.37 -16.94
C VAL C 90 22.50 11.21 -17.59
N GLY C 91 21.91 10.03 -17.49
CA GLY C 91 22.51 8.80 -17.99
C GLY C 91 22.47 7.70 -16.93
N VAL C 92 23.31 6.69 -17.11
CA VAL C 92 23.30 5.51 -16.25
C VAL C 92 24.23 5.68 -15.07
N THR C 93 23.80 5.21 -13.90
CA THR C 93 24.63 5.11 -12.70
C THR C 93 24.22 3.78 -11.96
N VAL C 94 24.60 3.62 -10.67
CA VAL C 94 24.35 2.38 -9.93
C VAL C 94 23.75 2.69 -8.56
N VAL C 95 22.88 1.80 -8.08
CA VAL C 95 22.33 1.80 -6.74
C VAL C 95 22.63 0.38 -6.16
N LEU C 96 23.04 0.32 -4.89
CA LEU C 96 23.39 -0.94 -4.23
C LEU C 96 22.55 -1.17 -2.98
N ILE C 97 22.24 -2.43 -2.71
CA ILE C 97 21.60 -2.84 -1.47
C ILE C 97 22.63 -3.76 -0.83
N THR C 98 23.02 -3.50 0.41
CA THR C 98 23.98 -4.37 1.09
C THR C 98 23.43 -4.84 2.41
N CYS C 99 23.92 -5.98 2.89
CA CYS C 99 23.60 -6.47 4.21
C CYS C 99 24.88 -6.84 4.92
N THR C 100 24.96 -6.43 6.18
CA THR C 100 26.14 -6.62 6.99
C THR C 100 25.76 -7.33 8.29
N TYR C 101 26.63 -8.23 8.73
CA TYR C 101 26.42 -8.94 9.98
C TYR C 101 27.68 -8.80 10.78
N ARG C 102 27.56 -8.25 11.99
CA ARG C 102 28.69 -8.03 12.89
C ARG C 102 29.84 -7.27 12.23
N GLY C 103 29.50 -6.23 11.48
CA GLY C 103 30.48 -5.39 10.81
C GLY C 103 31.03 -5.91 9.49
N GLN C 104 30.59 -7.12 9.08
CA GLN C 104 31.05 -7.75 7.85
C GLN C 104 29.98 -7.82 6.77
N GLU C 105 30.22 -7.20 5.60
CA GLU C 105 29.27 -7.23 4.50
C GLU C 105 29.24 -8.64 3.89
N PHE C 106 28.06 -9.26 3.81
CA PHE C 106 27.95 -10.61 3.27
C PHE C 106 27.19 -10.68 1.95
N ILE C 107 26.50 -9.62 1.55
CA ILE C 107 25.76 -9.59 0.29
C ILE C 107 25.63 -8.18 -0.26
N ARG C 108 25.71 -8.06 -1.58
CA ARG C 108 25.55 -6.81 -2.29
C ARG C 108 24.70 -7.10 -3.53
N VAL C 109 23.62 -6.35 -3.69
CA VAL C 109 22.74 -6.46 -4.85
C VAL C 109 22.83 -5.12 -5.57
N GLY C 110 23.32 -5.12 -6.80
CA GLY C 110 23.48 -3.90 -7.56
C GLY C 110 22.54 -3.78 -8.73
N TYR C 111 22.12 -2.56 -9.04
CA TYR C 111 21.28 -2.32 -10.21
C TYR C 111 21.82 -1.13 -10.97
N TYR C 112 21.72 -1.18 -12.30
CA TYR C 112 21.99 0.01 -13.11
C TYR C 112 20.71 0.87 -12.98
N VAL C 113 20.86 2.19 -12.90
CA VAL C 113 19.77 3.15 -12.77
C VAL C 113 19.95 4.11 -13.94
N ASN C 114 18.95 4.31 -14.76
CA ASN C 114 19.02 5.22 -15.90
C ASN C 114 18.22 6.46 -15.55
N ASN C 115 18.85 7.64 -15.53
CA ASN C 115 18.15 8.88 -15.22
C ASN C 115 18.05 9.69 -16.49
N GLU C 116 16.82 9.95 -16.96
CA GLU C 116 16.63 10.69 -18.21
C GLU C 116 15.43 11.62 -18.14
N TYR C 117 15.43 12.65 -18.99
CA TYR C 117 14.26 13.50 -19.13
C TYR C 117 13.21 12.72 -19.96
N THR C 118 11.92 13.03 -19.77
CA THR C 118 10.87 12.39 -20.55
C THR C 118 10.32 13.31 -21.65
N GLU C 119 10.43 14.63 -21.47
CA GLU C 119 10.00 15.59 -22.47
C GLU C 119 11.02 15.55 -23.60
N THR C 120 10.54 15.47 -24.84
CA THR C 120 11.37 15.37 -26.04
C THR C 120 12.32 16.57 -26.18
N GLU C 121 11.82 17.77 -25.91
CA GLU C 121 12.59 19.01 -25.98
C GLU C 121 13.79 18.94 -25.02
N LEU C 122 13.57 18.46 -23.78
CA LEU C 122 14.65 18.35 -22.80
C LEU C 122 15.63 17.25 -23.16
N ARG C 123 15.16 16.12 -23.72
CA ARG C 123 16.06 15.02 -24.08
C ARG C 123 17.05 15.48 -25.18
N GLU C 124 16.55 16.25 -26.14
CA GLU C 124 17.37 16.71 -27.26
C GLU C 124 18.18 17.96 -26.91
N ASN C 125 17.64 18.82 -26.04
CA ASN C 125 18.32 20.05 -25.63
C ASN C 125 18.35 20.12 -24.10
N PRO C 126 19.17 19.28 -23.45
CA PRO C 126 19.18 19.27 -21.97
C PRO C 126 19.67 20.57 -21.38
N PRO C 127 19.05 21.04 -20.28
CA PRO C 127 19.52 22.29 -19.66
C PRO C 127 20.99 22.19 -19.24
N VAL C 128 21.70 23.32 -19.27
CA VAL C 128 23.12 23.41 -18.90
C VAL C 128 23.39 22.78 -17.54
N LYS C 129 22.54 23.09 -16.55
CA LYS C 129 22.62 22.46 -15.24
C LYS C 129 21.41 21.53 -15.13
N PRO C 130 21.60 20.26 -14.71
CA PRO C 130 20.47 19.32 -14.72
C PRO C 130 19.29 19.78 -13.87
N ASP C 131 18.07 19.50 -14.38
CA ASP C 131 16.84 19.81 -13.67
C ASP C 131 16.32 18.50 -13.14
N PHE C 132 16.62 18.22 -11.87
CA PHE C 132 16.25 16.97 -11.20
C PHE C 132 14.74 16.80 -11.02
N SER C 133 13.97 17.91 -11.02
CA SER C 133 12.51 17.82 -10.96
C SER C 133 11.89 17.28 -12.27
N LYS C 134 12.66 17.26 -13.38
CA LYS C 134 12.21 16.77 -14.68
C LYS C 134 12.82 15.42 -15.05
N LEU C 135 13.69 14.86 -14.20
CA LEU C 135 14.31 13.57 -14.48
C LEU C 135 13.46 12.40 -13.99
N GLN C 136 13.37 11.35 -14.80
CA GLN C 136 12.73 10.10 -14.48
C GLN C 136 13.84 9.06 -14.21
N ARG C 137 13.71 8.36 -13.10
CA ARG C 137 14.60 7.31 -12.70
C ARG C 137 14.00 5.99 -13.15
N ASN C 138 14.80 5.21 -13.86
CA ASN C 138 14.40 3.90 -14.31
C ASN C 138 15.46 2.89 -13.89
N ILE C 139 15.13 2.09 -12.89
CA ILE C 139 16.02 1.04 -12.40
C ILE C 139 15.92 -0.15 -13.36
N LEU C 140 17.06 -0.70 -13.82
CA LEU C 140 17.05 -1.86 -14.73
C LEU C 140 16.91 -3.14 -13.90
N ALA C 141 15.68 -3.35 -13.39
CA ALA C 141 15.25 -4.38 -12.46
C ALA C 141 15.41 -5.83 -12.94
N SER C 142 15.36 -6.09 -14.25
CA SER C 142 15.55 -7.46 -14.73
C SER C 142 17.02 -7.89 -14.76
N ASN C 143 17.97 -6.97 -14.44
CA ASN C 143 19.39 -7.32 -14.46
C ASN C 143 20.11 -7.07 -13.12
N PRO C 144 19.67 -7.65 -11.97
CA PRO C 144 20.40 -7.42 -10.71
C PRO C 144 21.76 -8.14 -10.73
N ARG C 145 22.76 -7.56 -10.08
CA ARG C 145 24.04 -8.25 -9.91
C ARG C 145 24.05 -8.65 -8.46
N VAL C 146 24.14 -9.95 -8.18
CA VAL C 146 24.14 -10.43 -6.81
C VAL C 146 25.50 -10.95 -6.47
N THR C 147 26.14 -10.38 -5.46
CA THR C 147 27.46 -10.81 -5.03
C THR C 147 27.39 -11.19 -3.56
N ARG C 148 27.87 -12.38 -3.22
CA ARG C 148 27.91 -12.86 -1.84
C ARG C 148 29.36 -12.93 -1.35
N PHE C 149 29.61 -12.61 -0.08
CA PHE C 149 30.96 -12.64 0.48
C PHE C 149 31.05 -13.55 1.68
N HIS C 150 32.18 -14.23 1.83
CA HIS C 150 32.42 -15.09 2.96
C HIS C 150 32.72 -14.25 4.18
N ILE C 151 32.00 -14.49 5.27
CA ILE C 151 32.19 -13.77 6.53
C ILE C 151 32.20 -14.77 7.71
N ASN C 152 32.60 -14.33 8.90
CA ASN C 152 32.57 -15.18 10.09
C ASN C 152 31.18 -14.97 10.73
N TRP C 153 30.34 -16.00 10.67
CA TRP C 153 28.99 -15.97 11.24
C TRP C 153 28.97 -16.43 12.72
N GLU C 154 30.13 -16.76 13.32
CA GLU C 154 30.33 -17.26 14.68
C GLU C 154 30.28 -18.79 14.65
N MET D 1 11.67 10.43 -45.18
CA MET D 1 11.36 10.67 -43.78
C MET D 1 9.98 10.17 -43.39
N ALA D 2 9.91 9.37 -42.33
CA ALA D 2 8.66 8.79 -41.85
C ALA D 2 7.69 9.85 -41.34
N LYS D 3 6.44 9.83 -41.86
CA LYS D 3 5.41 10.78 -41.44
C LYS D 3 4.95 10.55 -39.99
N VAL D 4 5.16 9.34 -39.45
CA VAL D 4 4.83 9.03 -38.06
C VAL D 4 6.12 8.55 -37.38
N GLN D 5 6.42 9.11 -36.22
CA GLN D 5 7.60 8.75 -35.46
C GLN D 5 7.22 8.37 -34.04
N VAL D 6 7.45 7.12 -33.63
CA VAL D 6 7.14 6.70 -32.27
C VAL D 6 8.30 7.14 -31.39
N ASN D 7 8.01 7.92 -30.35
CA ASN D 7 9.05 8.47 -29.48
C ASN D 7 9.22 7.73 -28.17
N ASN D 8 8.18 7.05 -27.71
CA ASN D 8 8.23 6.37 -26.42
C ASN D 8 7.12 5.36 -26.30
N VAL D 9 7.40 4.28 -25.56
CA VAL D 9 6.43 3.27 -25.16
C VAL D 9 6.70 3.00 -23.69
N VAL D 10 5.68 3.11 -22.84
CA VAL D 10 5.78 2.82 -21.42
C VAL D 10 4.88 1.59 -21.15
N VAL D 11 5.42 0.55 -20.52
CA VAL D 11 4.67 -0.64 -20.19
C VAL D 11 3.97 -0.41 -18.85
N LEU D 12 2.65 -0.47 -18.84
CA LEU D 12 1.88 -0.23 -17.60
C LEU D 12 1.44 -1.56 -16.95
N ASP D 13 1.01 -1.53 -15.68
CA ASP D 13 0.53 -2.70 -14.94
C ASP D 13 1.49 -3.87 -15.03
N ASN D 14 2.74 -3.57 -14.72
CA ASN D 14 3.78 -4.57 -14.86
C ASN D 14 4.69 -4.61 -13.63
N PRO D 15 4.87 -5.78 -13.00
CA PRO D 15 4.31 -7.09 -13.34
C PRO D 15 2.82 -7.20 -12.99
N SER D 16 2.18 -8.28 -13.44
CA SER D 16 0.75 -8.46 -13.18
C SER D 16 0.37 -9.93 -13.29
N PRO D 17 -0.82 -10.35 -12.80
CA PRO D 17 -1.27 -11.71 -13.09
C PRO D 17 -1.32 -11.93 -14.63
N PHE D 18 -1.09 -13.17 -15.07
CA PHE D 18 -1.16 -13.54 -16.49
C PHE D 18 -2.51 -13.07 -17.13
N TYR D 19 -3.64 -13.19 -16.41
CA TYR D 19 -4.96 -12.86 -16.93
C TYR D 19 -5.27 -11.38 -17.05
N ASN D 20 -4.42 -10.48 -16.52
CA ASN D 20 -4.70 -9.05 -16.66
C ASN D 20 -4.44 -8.62 -18.11
N PRO D 21 -5.23 -7.64 -18.60
CA PRO D 21 -4.96 -7.12 -19.96
C PRO D 21 -3.60 -6.43 -20.04
N PHE D 22 -3.03 -6.40 -21.25
CA PHE D 22 -1.83 -5.65 -21.55
C PHE D 22 -2.21 -4.17 -21.66
N GLN D 23 -1.30 -3.26 -21.24
CA GLN D 23 -1.54 -1.81 -21.30
C GLN D 23 -0.21 -1.15 -21.66
N PHE D 24 -0.17 -0.43 -22.77
CA PHE D 24 1.03 0.26 -23.20
C PHE D 24 0.68 1.69 -23.47
N GLU D 25 1.49 2.64 -22.98
CA GLU D 25 1.28 4.04 -23.27
C GLU D 25 2.25 4.43 -24.36
N ILE D 26 1.71 4.78 -25.53
CA ILE D 26 2.51 5.11 -26.70
C ILE D 26 2.49 6.60 -27.01
N THR D 27 3.69 7.20 -27.20
CA THR D 27 3.82 8.60 -27.59
C THR D 27 4.39 8.62 -28.99
N PHE D 28 3.73 9.34 -29.90
CA PHE D 28 4.19 9.43 -31.27
C PHE D 28 3.97 10.83 -31.83
N GLU D 29 4.72 11.17 -32.87
CA GLU D 29 4.62 12.45 -33.52
C GLU D 29 4.21 12.22 -34.97
N CYS D 30 3.23 12.98 -35.43
CA CYS D 30 2.78 12.92 -36.81
C CYS D 30 3.26 14.23 -37.48
N ILE D 31 4.27 14.13 -38.37
CA ILE D 31 4.92 15.26 -39.05
C ILE D 31 3.95 16.03 -39.94
N GLU D 32 2.96 15.34 -40.51
CA GLU D 32 1.92 15.98 -41.31
C GLU D 32 0.64 15.15 -41.28
N ASP D 33 -0.53 15.79 -41.54
CA ASP D 33 -1.83 15.12 -41.55
C ASP D 33 -1.83 13.89 -42.45
N LEU D 34 -2.31 12.76 -41.93
CA LEU D 34 -2.40 11.54 -42.73
C LEU D 34 -3.79 11.43 -43.32
N SER D 35 -3.88 10.97 -44.57
CA SER D 35 -5.18 10.83 -45.22
C SER D 35 -5.92 9.55 -44.82
N GLU D 36 -5.20 8.54 -44.33
CA GLU D 36 -5.81 7.27 -43.94
C GLU D 36 -5.60 7.00 -42.42
N ASP D 37 -6.08 5.86 -41.94
CA ASP D 37 -5.94 5.49 -40.54
C ASP D 37 -4.66 4.73 -40.25
N LEU D 38 -4.25 4.74 -38.97
CA LEU D 38 -3.11 3.96 -38.52
C LEU D 38 -3.68 2.66 -37.97
N GLU D 39 -3.00 1.55 -38.24
CA GLU D 39 -3.46 0.26 -37.75
C GLU D 39 -2.51 -0.23 -36.66
N TRP D 40 -2.97 -0.27 -35.43
CA TRP D 40 -2.16 -0.70 -34.30
C TRP D 40 -2.49 -2.15 -33.94
N LYS D 41 -1.46 -2.96 -33.65
CA LYS D 41 -1.67 -4.35 -33.23
C LYS D 41 -0.85 -4.71 -32.03
N ILE D 42 -1.35 -5.66 -31.24
CA ILE D 42 -0.61 -6.28 -30.15
C ILE D 42 -0.65 -7.76 -30.47
N ILE D 43 0.53 -8.38 -30.67
CA ILE D 43 0.63 -9.80 -31.02
C ILE D 43 1.40 -10.55 -29.97
N TYR D 44 0.80 -11.64 -29.45
CA TYR D 44 1.44 -12.46 -28.44
C TYR D 44 2.05 -13.70 -29.09
N VAL D 45 3.32 -13.98 -28.80
CA VAL D 45 3.96 -15.20 -29.30
C VAL D 45 3.71 -16.34 -28.29
N GLY D 46 2.70 -17.17 -28.55
CA GLY D 46 2.35 -18.28 -27.66
C GLY D 46 3.41 -19.36 -27.56
N SER D 47 4.23 -19.49 -28.62
CA SER D 47 5.28 -20.50 -28.62
C SER D 47 6.48 -20.04 -29.43
N ALA D 48 7.66 -20.01 -28.78
CA ALA D 48 8.89 -19.66 -29.50
C ALA D 48 9.30 -20.75 -30.52
N GLU D 49 8.69 -21.95 -30.44
CA GLU D 49 8.99 -23.06 -31.34
C GLU D 49 8.16 -23.00 -32.63
N SER D 50 7.07 -22.22 -32.68
CA SER D 50 6.25 -22.13 -33.90
C SER D 50 5.42 -20.84 -33.98
N GLU D 51 5.37 -20.25 -35.18
CA GLU D 51 4.54 -19.07 -35.41
C GLU D 51 3.04 -19.38 -35.46
N GLU D 52 2.66 -20.65 -35.58
CA GLU D 52 1.26 -21.06 -35.59
C GLU D 52 0.55 -20.72 -34.27
N TYR D 53 1.31 -20.47 -33.18
CA TYR D 53 0.69 -20.17 -31.89
C TYR D 53 0.66 -18.65 -31.58
N ASP D 54 0.87 -17.79 -32.60
CA ASP D 54 0.78 -16.35 -32.41
C ASP D 54 -0.68 -15.98 -32.24
N GLN D 55 -0.98 -15.09 -31.30
CA GLN D 55 -2.33 -14.63 -31.08
C GLN D 55 -2.37 -13.12 -31.29
N VAL D 56 -3.20 -12.65 -32.20
CA VAL D 56 -3.39 -11.21 -32.39
C VAL D 56 -4.35 -10.80 -31.28
N LEU D 57 -3.83 -10.16 -30.23
CA LEU D 57 -4.64 -9.76 -29.09
C LEU D 57 -5.55 -8.57 -29.35
N ASP D 58 -5.09 -7.64 -30.18
CA ASP D 58 -5.88 -6.48 -30.56
C ASP D 58 -5.38 -5.96 -31.91
N SER D 59 -6.31 -5.53 -32.76
CA SER D 59 -6.01 -4.96 -34.06
C SER D 59 -7.02 -3.86 -34.24
N VAL D 60 -6.55 -2.61 -34.27
CA VAL D 60 -7.45 -1.48 -34.31
C VAL D 60 -7.04 -0.41 -35.33
N LEU D 61 -8.04 0.12 -36.07
CA LEU D 61 -7.87 1.17 -37.06
C LEU D 61 -8.28 2.49 -36.42
N VAL D 62 -7.32 3.39 -36.21
CA VAL D 62 -7.56 4.66 -35.57
C VAL D 62 -7.19 5.82 -36.50
N GLY D 63 -8.13 6.71 -36.73
CA GLY D 63 -7.91 7.87 -37.58
C GLY D 63 -9.14 8.72 -37.78
N PRO D 64 -9.06 9.85 -38.53
CA PRO D 64 -7.86 10.44 -39.18
C PRO D 64 -6.83 10.93 -38.16
N VAL D 65 -5.56 10.92 -38.53
CA VAL D 65 -4.48 11.33 -37.64
C VAL D 65 -3.92 12.71 -38.02
N PRO D 66 -4.24 13.75 -37.24
CA PRO D 66 -3.71 15.08 -37.58
C PRO D 66 -2.25 15.24 -37.18
N ALA D 67 -1.59 16.27 -37.73
CA ALA D 67 -0.20 16.58 -37.42
C ALA D 67 -0.07 16.94 -35.93
N GLY D 68 1.06 16.59 -35.33
CA GLY D 68 1.32 16.90 -33.93
C GLY D 68 1.68 15.73 -33.07
N ARG D 69 1.79 15.99 -31.77
CA ARG D 69 2.13 14.98 -30.79
C ARG D 69 0.86 14.27 -30.32
N HIS D 70 0.92 12.93 -30.25
CA HIS D 70 -0.19 12.12 -29.79
C HIS D 70 0.27 11.14 -28.72
N MET D 71 -0.60 10.83 -27.80
CA MET D 71 -0.31 9.91 -26.72
C MET D 71 -1.55 9.10 -26.47
N PHE D 72 -1.42 7.77 -26.39
CA PHE D 72 -2.59 6.94 -26.07
C PHE D 72 -2.20 5.71 -25.33
N VAL D 73 -3.12 5.25 -24.47
CA VAL D 73 -2.96 3.99 -23.78
C VAL D 73 -3.68 2.94 -24.65
N PHE D 74 -2.93 1.95 -25.11
CA PHE D 74 -3.40 0.84 -25.96
C PHE D 74 -3.52 -0.42 -25.11
N GLN D 75 -4.76 -0.89 -24.90
CA GLN D 75 -5.02 -2.06 -24.06
C GLN D 75 -5.46 -3.26 -24.92
N ALA D 76 -5.07 -4.47 -24.54
CA ALA D 76 -5.49 -5.70 -25.23
C ALA D 76 -5.74 -6.77 -24.16
N ASP D 77 -6.75 -7.62 -24.30
CA ASP D 77 -6.92 -8.71 -23.33
C ASP D 77 -5.74 -9.70 -23.39
N ALA D 78 -5.49 -10.40 -22.28
CA ALA D 78 -4.45 -11.43 -22.17
C ALA D 78 -4.68 -12.53 -23.21
N PRO D 79 -3.65 -13.31 -23.60
CA PRO D 79 -3.88 -14.39 -24.56
C PRO D 79 -4.75 -15.51 -24.00
N ASN D 80 -5.32 -16.30 -24.90
CA ASN D 80 -6.15 -17.45 -24.57
C ASN D 80 -5.18 -18.59 -24.20
N PRO D 81 -5.16 -18.99 -22.92
CA PRO D 81 -4.26 -20.09 -22.51
C PRO D 81 -4.57 -21.43 -23.15
N GLY D 82 -5.82 -21.65 -23.62
CA GLY D 82 -6.20 -22.86 -24.30
C GLY D 82 -5.45 -23.09 -25.61
N LEU D 83 -4.81 -22.04 -26.16
CA LEU D 83 -4.03 -22.15 -27.38
C LEU D 83 -2.52 -22.19 -27.13
N ILE D 84 -2.07 -22.07 -25.87
CA ILE D 84 -0.65 -22.04 -25.55
C ILE D 84 -0.16 -23.46 -25.21
N PRO D 85 0.91 -23.95 -25.86
CA PRO D 85 1.45 -25.26 -25.48
C PRO D 85 1.92 -25.22 -24.01
N ASP D 86 1.59 -26.26 -23.21
CA ASP D 86 1.95 -26.32 -21.79
C ASP D 86 3.44 -26.04 -21.54
N ALA D 87 4.33 -26.60 -22.37
CA ALA D 87 5.78 -26.43 -22.23
C ALA D 87 6.25 -24.97 -22.38
N ASP D 88 5.44 -24.12 -23.00
CA ASP D 88 5.77 -22.70 -23.21
C ASP D 88 5.14 -21.75 -22.20
N ALA D 89 4.24 -22.24 -21.36
CA ALA D 89 3.55 -21.40 -20.38
C ALA D 89 4.45 -20.81 -19.28
N VAL D 90 5.46 -21.54 -18.83
CA VAL D 90 6.40 -21.05 -17.82
C VAL D 90 7.72 -20.80 -18.53
N GLY D 91 8.18 -19.56 -18.48
CA GLY D 91 9.43 -19.20 -19.13
C GLY D 91 9.30 -17.92 -19.92
N VAL D 92 10.28 -17.65 -20.77
CA VAL D 92 10.31 -16.42 -21.55
C VAL D 92 9.62 -16.57 -22.88
N THR D 93 8.81 -15.59 -23.23
CA THR D 93 8.19 -15.51 -24.54
C THR D 93 8.26 -14.02 -25.03
N VAL D 94 7.50 -13.63 -26.08
CA VAL D 94 7.56 -12.31 -26.68
C VAL D 94 6.15 -11.75 -26.89
N VAL D 95 6.01 -10.43 -26.74
CA VAL D 95 4.81 -9.66 -27.06
C VAL D 95 5.28 -8.51 -28.01
N LEU D 96 4.51 -8.24 -29.06
CA LEU D 96 4.87 -7.23 -30.06
C LEU D 96 3.79 -6.19 -30.19
N ILE D 97 4.20 -4.95 -30.45
CA ILE D 97 3.30 -3.85 -30.78
C ILE D 97 3.73 -3.45 -32.18
N THR D 98 2.79 -3.39 -33.13
CA THR D 98 3.14 -2.96 -34.48
C THR D 98 2.22 -1.82 -34.92
N CYS D 99 2.71 -1.01 -35.85
CA CYS D 99 1.89 -0.01 -36.47
C CYS D 99 2.02 -0.11 -37.98
N THR D 100 0.88 -0.07 -38.67
CA THR D 100 0.79 -0.24 -40.12
C THR D 100 0.08 0.95 -40.75
N TYR D 101 0.56 1.39 -41.90
CA TYR D 101 -0.07 2.48 -42.62
C TYR D 101 -0.27 2.07 -44.05
N ARG D 102 -1.54 1.96 -44.49
CA ARG D 102 -1.93 1.55 -45.85
C ARG D 102 -1.41 0.16 -46.21
N GLY D 103 -1.54 -0.78 -45.27
CA GLY D 103 -1.11 -2.15 -45.46
C GLY D 103 0.37 -2.42 -45.31
N GLN D 104 1.16 -1.39 -44.99
CA GLN D 104 2.60 -1.49 -44.81
C GLN D 104 3.03 -1.30 -43.35
N GLU D 105 3.62 -2.33 -42.73
CA GLU D 105 4.09 -2.22 -41.34
C GLU D 105 5.31 -1.32 -41.32
N PHE D 106 5.31 -0.27 -40.49
CA PHE D 106 6.46 0.64 -40.45
C PHE D 106 7.24 0.60 -39.13
N ILE D 107 6.67 -0.01 -38.09
CA ILE D 107 7.35 -0.12 -36.80
C ILE D 107 6.89 -1.35 -36.03
N ARG D 108 7.82 -1.98 -35.32
CA ARG D 108 7.57 -3.12 -34.47
C ARG D 108 8.35 -2.90 -33.19
N VAL D 109 7.66 -2.95 -32.04
CA VAL D 109 8.27 -2.83 -30.73
C VAL D 109 8.07 -4.19 -30.03
N GLY D 110 9.16 -4.89 -29.76
CA GLY D 110 9.09 -6.19 -29.11
C GLY D 110 9.60 -6.19 -27.69
N TYR D 111 8.96 -7.00 -26.84
CA TYR D 111 9.41 -7.15 -25.46
C TYR D 111 9.50 -8.63 -25.12
N TYR D 112 10.53 -8.99 -24.34
CA TYR D 112 10.58 -10.33 -23.77
C TYR D 112 9.61 -10.29 -22.58
N VAL D 113 8.92 -11.39 -22.34
CA VAL D 113 7.94 -11.56 -21.29
C VAL D 113 8.30 -12.82 -20.49
N ASN D 114 8.58 -12.68 -19.20
CA ASN D 114 8.88 -13.83 -18.35
C ASN D 114 7.61 -14.23 -17.60
N ASN D 115 7.14 -15.46 -17.81
CA ASN D 115 5.93 -15.97 -17.16
C ASN D 115 6.34 -16.97 -16.08
N GLU D 116 6.04 -16.68 -14.81
CA GLU D 116 6.43 -17.54 -13.70
C GLU D 116 5.33 -17.56 -12.63
N TYR D 117 5.29 -18.58 -11.77
CA TYR D 117 4.32 -18.60 -10.66
C TYR D 117 4.70 -17.54 -9.62
N THR D 118 3.72 -16.86 -9.04
CA THR D 118 4.01 -15.81 -8.05
C THR D 118 4.33 -16.45 -6.67
N GLU D 119 3.75 -17.63 -6.34
CA GLU D 119 4.01 -18.36 -5.09
C GLU D 119 5.29 -19.20 -5.24
N THR D 120 6.12 -19.26 -4.18
CA THR D 120 7.38 -20.01 -4.10
C THR D 120 7.14 -21.53 -4.18
N GLU D 121 6.07 -22.01 -3.52
CA GLU D 121 5.71 -23.42 -3.51
C GLU D 121 5.43 -23.92 -4.94
N LEU D 122 4.73 -23.11 -5.75
CA LEU D 122 4.43 -23.49 -7.12
C LEU D 122 5.65 -23.37 -8.04
N ARG D 123 6.56 -22.41 -7.79
CA ARG D 123 7.77 -22.30 -8.61
C ARG D 123 8.66 -23.53 -8.43
N GLU D 124 8.76 -24.04 -7.20
CA GLU D 124 9.58 -25.19 -6.89
C GLU D 124 8.87 -26.52 -7.21
N ASN D 125 7.54 -26.55 -7.07
CA ASN D 125 6.75 -27.76 -7.37
C ASN D 125 5.61 -27.40 -8.34
N PRO D 126 5.94 -27.14 -9.61
CA PRO D 126 4.90 -26.73 -10.56
C PRO D 126 3.87 -27.80 -10.86
N PRO D 127 2.59 -27.41 -11.00
CA PRO D 127 1.57 -28.41 -11.39
C PRO D 127 1.88 -29.01 -12.78
N VAL D 128 1.46 -30.27 -12.98
CA VAL D 128 1.65 -31.02 -14.22
C VAL D 128 1.13 -30.24 -15.43
N LYS D 129 -0.06 -29.63 -15.30
CA LYS D 129 -0.58 -28.75 -16.35
C LYS D 129 -0.55 -27.34 -15.77
N PRO D 130 -0.02 -26.35 -16.52
CA PRO D 130 0.08 -24.99 -15.96
C PRO D 130 -1.24 -24.41 -15.48
N ASP D 131 -1.18 -23.71 -14.35
CA ASP D 131 -2.32 -23.04 -13.77
C ASP D 131 -2.10 -21.56 -14.05
N PHE D 132 -2.74 -21.06 -15.10
CA PHE D 132 -2.64 -19.68 -15.55
C PHE D 132 -3.21 -18.68 -14.56
N SER D 133 -4.11 -19.10 -13.65
CA SER D 133 -4.63 -18.21 -12.61
C SER D 133 -3.58 -17.93 -11.51
N LYS D 134 -2.47 -18.70 -11.48
CA LYS D 134 -1.38 -18.56 -10.51
C LYS D 134 -0.10 -18.00 -11.13
N LEU D 135 -0.06 -17.86 -12.48
CA LEU D 135 1.09 -17.31 -13.19
C LEU D 135 1.11 -15.79 -13.11
N GLN D 136 2.30 -15.24 -13.06
CA GLN D 136 2.56 -13.81 -13.05
C GLN D 136 3.33 -13.49 -14.34
N ARG D 137 3.00 -12.36 -14.95
CA ARG D 137 3.63 -11.89 -16.17
C ARG D 137 4.57 -10.74 -15.82
N ASN D 138 5.81 -10.85 -16.24
CA ASN D 138 6.78 -9.79 -16.04
C ASN D 138 7.37 -9.44 -17.39
N ILE D 139 6.91 -8.33 -17.96
CA ILE D 139 7.39 -7.82 -19.23
C ILE D 139 8.73 -7.13 -18.95
N LEU D 140 9.77 -7.46 -19.72
CA LEU D 140 11.09 -6.84 -19.56
C LEU D 140 11.09 -5.47 -20.26
N ALA D 141 10.45 -4.51 -19.61
CA ALA D 141 10.15 -3.17 -20.08
C ALA D 141 11.35 -2.27 -20.32
N SER D 142 12.48 -2.46 -19.59
CA SER D 142 13.65 -1.62 -19.84
C SER D 142 14.41 -2.02 -21.11
N ASN D 143 14.03 -3.15 -21.76
CA ASN D 143 14.74 -3.58 -22.96
C ASN D 143 13.84 -3.73 -24.20
N PRO D 144 13.14 -2.67 -24.68
CA PRO D 144 12.34 -2.84 -25.89
C PRO D 144 13.24 -3.01 -27.11
N ARG D 145 12.81 -3.82 -28.07
CA ARG D 145 13.55 -3.98 -29.31
C ARG D 145 12.71 -3.28 -30.37
N VAL D 146 13.21 -2.15 -30.87
CA VAL D 146 12.51 -1.29 -31.82
C VAL D 146 13.04 -1.49 -33.21
N THR D 147 12.17 -1.89 -34.13
CA THR D 147 12.56 -2.07 -35.51
C THR D 147 11.66 -1.19 -36.38
N ARG D 148 12.29 -0.41 -37.27
CA ARG D 148 11.57 0.48 -38.18
C ARG D 148 11.72 -0.02 -39.63
N PHE D 149 10.66 0.09 -40.44
CA PHE D 149 10.70 -0.38 -41.83
C PHE D 149 10.37 0.74 -42.79
N HIS D 150 11.03 0.74 -43.95
CA HIS D 150 10.80 1.74 -44.98
C HIS D 150 9.49 1.45 -45.70
N ILE D 151 8.59 2.44 -45.72
CA ILE D 151 7.30 2.28 -46.39
C ILE D 151 7.01 3.50 -47.29
N ASN D 152 5.98 3.38 -48.16
CA ASN D 152 5.58 4.49 -49.00
C ASN D 152 4.48 5.25 -48.23
N TRP D 153 4.77 6.49 -47.85
CA TRP D 153 3.81 7.32 -47.14
C TRP D 153 2.87 8.11 -48.08
N GLU D 154 3.06 7.97 -49.42
CA GLU D 154 2.36 8.59 -50.56
C GLU D 154 3.17 9.75 -51.12
C ACE E 1 -8.00 14.41 24.53
O ACE E 1 -7.19 15.16 23.99
CH3 ACE E 1 -7.48 13.16 25.25
N GLU E 2 -9.31 14.64 24.39
CA GLU E 2 -10.34 13.80 25.02
C GLU E 2 -10.92 12.73 24.06
N LYS E 3 -11.80 11.81 24.57
CA LYS E 3 -12.41 10.76 23.73
C LYS E 3 -13.21 11.40 22.59
N ALN E 4 -13.73 12.62 22.75
CA ALN E 4 -14.50 13.26 21.69
C ALN E 4 -13.74 14.22 20.79
O ALN E 4 -14.28 14.72 19.83
CB ALN E 4 -15.77 13.89 22.26
CG1 ALN E 4 -16.75 12.84 22.72
CD1 ALN E 4 -16.88 12.54 24.04
CE1 ALN E 4 -17.70 11.49 24.48
CD2 ALN E 4 -17.50 12.09 21.76
CE2 ALN E 4 -18.32 11.02 22.21
CZ1 ALN E 4 -18.39 10.74 23.59
CG2 ALN E 4 -17.52 12.41 20.37
CD3 ALN E 4 -18.29 11.70 19.50
CE3 ALN E 4 -19.09 10.67 19.94
CZ2 ALN E 4 -19.11 10.32 21.26
N ALA E 5 -12.45 14.46 21.04
CA ALA E 5 -11.66 15.37 20.21
C ALA E 5 -10.89 14.62 19.12
N OUR E 6 -10.38 15.30 18.09
CA OUR E 6 -9.57 14.64 17.05
C OUR E 6 -7.15 13.70 19.00
O OUR E 6 -7.05 12.72 18.26
CB OUR E 6 -10.12 14.96 15.67
CG OUR E 6 -11.50 14.37 15.49
CD OUR E 6 -12.20 14.75 14.18
NE OUR E 6 -11.32 14.98 13.02
CZ OUR E 6 -10.63 14.04 12.39
NH1 OUR E 6 -10.66 12.77 12.80
NH2 OUR E 6 -9.88 14.39 11.35
CM OUR E 6 -8.10 15.02 17.16
N2 OUR E 6 -7.64 14.86 18.54
CA URL E 7 -6.17 12.40 20.86
C URL E 7 -8.69 10.62 20.28
O URL E 7 -7.81 9.80 19.99
CB URL E 7 -4.88 12.73 21.60
C2 URL E 7 -7.15 11.72 21.85
N URL E 7 -6.75 13.62 20.28
N2 URL E 7 -8.45 11.56 21.20
C1 URL E 7 -3.50 12.93 20.94
C3 URL E 7 -2.90 14.31 21.21
C4 URL E 7 -3.32 12.47 19.51
O QQ8 E 8 -9.26 9.79 15.03
C QQ8 E 8 -8.71 10.62 15.78
NM QQ8 E 8 -9.30 10.98 16.91
CM QQ8 E 8 -10.56 10.43 17.37
CA QQ8 E 8 -10.18 9.63 18.62
N QQ8 E 8 -9.86 10.63 19.66
CB QQ8 E 8 -11.33 8.73 19.03
CG QQ8 E 8 -11.16 8.08 20.37
CD QQ8 E 8 -12.37 7.25 20.71
OE1 QQ8 E 8 -12.57 6.19 20.12
NE2 QQ8 E 8 -13.24 7.73 21.60
N ARG E 9 -7.52 11.14 15.48
CA ARG E 9 -6.81 10.76 14.26
C ARG E 9 -6.45 9.27 14.22
N ILE E 10 -6.20 8.67 15.38
CA ILE E 10 -5.86 7.24 15.50
C ILE E 10 -7.00 6.37 14.95
O3 66N E 11 -10.50 5.83 12.15
N11 66N E 11 -8.20 6.92 14.78
C33 66N E 11 -9.37 6.16 14.23
C35 66N E 11 -10.59 6.58 15.03
C34 66N E 11 -9.60 6.43 12.74
N12 66N E 11 -8.86 7.36 12.18
C ACE F 1 -10.40 -10.48 22.23
O ACE F 1 -9.96 -9.60 22.95
CH3 ACE F 1 -11.74 -11.15 22.52
N GLU F 2 -9.74 -10.85 21.12
CA GLU F 2 -8.43 -10.27 20.77
C GLU F 2 -8.58 -8.85 20.24
N LYS F 3 -7.51 -8.06 20.39
CA LYS F 3 -7.36 -6.73 19.81
C LYS F 3 -7.39 -6.88 18.27
N ALN F 4 -7.05 -8.06 17.73
CA ALN F 4 -7.10 -8.26 16.29
C ALN F 4 -8.35 -8.97 15.77
O ALN F 4 -8.50 -9.14 14.59
CB ALN F 4 -5.80 -8.97 15.83
CG1 ALN F 4 -4.61 -8.04 15.93
CD1 ALN F 4 -3.74 -8.11 16.98
CE1 ALN F 4 -2.71 -7.20 17.13
CD2 ALN F 4 -4.43 -7.03 14.94
CE2 ALN F 4 -3.39 -6.07 15.12
CZ1 ALN F 4 -2.53 -6.19 16.24
CG2 ALN F 4 -5.23 -6.92 13.77
CD3 ALN F 4 -5.04 -5.91 12.87
CE3 ALN F 4 -4.05 -4.96 13.08
CZ2 ALN F 4 -3.24 -5.03 14.17
N ALA F 5 -9.31 -9.31 16.64
CA ALA F 5 -10.50 -10.00 16.21
C ALA F 5 -11.68 -9.05 16.03
N OUR F 6 -12.74 -9.44 15.32
CA OUR F 6 -13.94 -8.60 15.18
C OUR F 6 -14.78 -8.53 18.34
O OUR F 6 -15.22 -7.40 18.07
CB OUR F 6 -14.30 -8.47 13.72
CG OUR F 6 -13.21 -7.75 12.95
CD OUR F 6 -13.41 -7.72 11.42
NE OUR F 6 -14.79 -7.68 10.94
CZ OUR F 6 -15.63 -6.67 11.11
NH1 OUR F 6 -16.87 -6.75 10.61
NH2 OUR F 6 -15.24 -5.59 11.77
CM OUR F 6 -15.12 -9.20 15.98
N2 OUR F 6 -14.70 -9.45 17.37
CA URL F 7 -14.43 -7.86 20.68
C URL F 7 -12.51 -5.80 19.34
O URL F 7 -13.33 -5.02 19.84
CB URL F 7 -15.16 -8.45 21.90
C2 URL F 7 -13.00 -7.45 21.11
N URL F 7 -14.36 -8.83 19.57
N2 URL F 7 -12.28 -6.99 19.92
C1 URL F 7 -16.69 -8.57 22.07
C3 URL F 7 -17.19 -10.00 22.21
C4 URL F 7 -17.58 -7.72 21.18
O QQ8 F 8 -15.02 -3.49 15.18
C QQ8 F 8 -15.10 -4.57 15.79
NM QQ8 F 8 -13.99 -5.17 16.24
CM QQ8 F 8 -12.66 -4.60 16.08
CA QQ8 F 8 -12.15 -4.25 17.47
N QQ8 F 8 -11.91 -5.52 18.18
CB QQ8 F 8 -10.86 -3.45 17.36
CG QQ8 F 8 -10.09 -3.33 18.65
CD QQ8 F 8 -8.84 -2.48 18.49
OE1 QQ8 F 8 -8.92 -1.28 18.21
NE2 QQ8 F 8 -7.68 -3.11 18.61
N ARG F 9 -16.29 -5.13 16.07
CA ARG F 9 -17.54 -4.51 15.61
C ARG F 9 -17.77 -3.11 16.20
N ILE F 10 -17.18 -2.81 17.37
CA ILE F 10 -17.30 -1.48 17.99
C ILE F 10 -16.66 -0.39 17.09
O3 66N F 11 -16.64 -0.50 13.79
N11 66N F 11 -15.70 -0.75 16.24
C33 66N F 11 -15.01 0.23 15.39
C35 66N F 11 -13.53 -0.14 15.37
C34 66N F 11 -15.59 0.12 13.98
N12 66N F 11 -14.95 0.76 13.02
C ACE G 1 32.23 1.18 -19.19
O ACE G 1 32.93 1.17 -18.22
CH3 ACE G 1 31.04 2.13 -19.25
N GLU G 2 32.49 0.39 -20.24
CA GLU G 2 33.61 -0.57 -20.27
C GLU G 2 33.40 -1.77 -19.33
N LYS G 3 33.36 -2.99 -19.92
CA LYS G 3 33.16 -4.28 -19.22
C LYS G 3 34.22 -4.50 -18.17
N ALN G 4 35.46 -4.06 -18.39
CA ALN G 4 36.50 -4.22 -17.38
C ALN G 4 36.72 -3.01 -16.47
O ALN G 4 37.56 -3.06 -15.61
CB ALN G 4 37.81 -4.69 -18.02
CG1 ALN G 4 37.71 -6.09 -18.57
CD1 ALN G 4 37.49 -6.31 -19.90
CE1 ALN G 4 37.27 -7.58 -20.40
CD2 ALN G 4 37.74 -7.20 -17.68
CE2 ALN G 4 37.52 -8.51 -18.18
CZ1 ALN G 4 37.26 -8.67 -19.58
CG2 ALN G 4 37.97 -7.07 -16.28
CD3 ALN G 4 38.01 -8.16 -15.46
CE3 ALN G 4 37.80 -9.43 -15.98
CZ2 ALN G 4 37.55 -9.61 -17.31
N ALA G 5 35.95 -1.93 -16.61
CA ALA G 5 36.12 -0.75 -15.78
C ALA G 5 35.19 -0.77 -14.57
N OUR G 6 35.44 0.04 -13.53
CA OUR G 6 34.58 0.07 -12.36
C OUR G 6 31.90 1.19 -13.86
O OUR G 6 31.27 0.54 -13.02
CB OUR G 6 35.40 -0.15 -11.10
CG OUR G 6 36.09 -1.51 -11.11
CD OUR G 6 36.85 -1.78 -9.82
NE OUR G 6 35.91 -2.07 -8.75
CZ OUR G 6 35.60 -1.24 -7.77
NH1 OUR G 6 34.70 -1.62 -6.87
NH2 OUR G 6 36.13 -0.02 -7.71
CM OUR G 6 33.80 1.39 -12.31
N2 OUR G 6 33.12 1.63 -13.58
CA URL G 7 30.00 0.98 -15.43
C URL G 7 30.67 -2.03 -15.07
O URL G 7 29.54 -2.04 -14.57
CB URL G 7 29.17 2.12 -16.01
C2 URL G 7 30.07 -0.14 -16.49
N URL G 7 31.35 1.45 -15.05
N2 URL G 7 31.00 -1.16 -16.04
C1 URL G 7 28.35 3.14 -15.21
C3 URL G 7 28.78 4.54 -15.63
C4 URL G 7 28.26 2.95 -13.70
O QQ8 G 8 31.53 -3.32 -9.92
C QQ8 G 8 31.55 -2.31 -10.63
NM QQ8 G 8 31.97 -2.39 -11.89
CM QQ8 G 8 32.37 -3.64 -12.52
CA QQ8 G 8 31.33 -3.88 -13.63
N QQ8 G 8 31.60 -2.87 -14.65
CB QQ8 G 8 31.46 -5.29 -14.24
CG QQ8 G 8 30.68 -5.48 -15.52
CD QQ8 G 8 30.81 -6.86 -16.10
OE1 QQ8 G 8 30.28 -7.82 -15.53
NE2 QQ8 G 8 31.50 -6.98 -17.22
N ARG G 9 31.16 -1.12 -10.15
CA ARG G 9 30.65 -0.93 -8.78
C ARG G 9 29.43 -1.83 -8.49
N ILE G 10 28.60 -2.11 -9.52
CA ILE G 10 27.40 -2.95 -9.41
C ILE G 10 27.75 -4.39 -8.93
O3 66N G 11 31.00 -5.28 -7.41
N11 66N G 11 28.96 -4.89 -9.20
C33 66N G 11 29.34 -6.28 -8.82
C35 66N G 11 29.48 -7.10 -10.10
C34 66N G 11 30.67 -6.28 -8.06
N12 66N G 11 31.41 -7.36 -8.14
N ALN H 4 21.37 -17.52 -37.63
CA ALN H 4 20.56 -16.82 -36.61
C ALN H 4 19.21 -17.52 -36.30
O ALN H 4 18.41 -17.69 -37.19
CB ALN H 4 20.16 -15.41 -37.03
CG1 ALN H 4 21.26 -14.59 -37.70
CD1 ALN H 4 22.45 -14.39 -37.07
CE1 ALN H 4 23.40 -13.50 -37.58
CD2 ALN H 4 20.98 -13.91 -38.92
CE2 ALN H 4 21.94 -13.00 -39.44
CZ1 ALN H 4 23.15 -12.81 -38.72
CG2 ALN H 4 19.77 -14.08 -39.65
CD3 ALN H 4 19.55 -13.38 -40.81
CE3 ALN H 4 20.48 -12.50 -41.29
CZ2 ALN H 4 21.65 -12.29 -40.62
N ALA H 5 18.94 -17.89 -35.06
CA ALA H 5 17.68 -18.57 -34.74
C ALA H 5 16.51 -17.62 -34.66
N OUR H 6 15.32 -18.00 -35.14
CA OUR H 6 14.16 -17.13 -35.06
C OUR H 6 13.71 -16.17 -31.97
O OUR H 6 13.00 -15.29 -32.47
CB OUR H 6 13.38 -17.12 -36.38
CG OUR H 6 12.24 -16.11 -36.40
CD OUR H 6 11.96 -15.56 -37.79
NE OUR H 6 13.18 -15.09 -38.46
CZ OUR H 6 13.22 -14.11 -39.35
NH1 OUR H 6 12.11 -13.46 -39.69
NH2 OUR H 6 14.38 -13.77 -39.91
CM OUR H 6 13.26 -17.62 -33.91
N2 OUR H 6 13.89 -17.33 -32.62
CA URL H 7 14.13 -14.72 -30.05
C URL H 7 15.99 -13.15 -32.39
O URL H 7 15.20 -12.21 -32.31
CB URL H 7 13.73 -14.99 -28.58
C2 URL H 7 15.39 -13.84 -30.09
N URL H 7 14.30 -15.99 -30.79
N2 URL H 7 16.13 -13.99 -31.34
C1 URL H 7 12.48 -15.78 -28.19
C3 URL H 7 12.86 -17.22 -27.81
C4 URL H 7 11.35 -15.76 -29.20
O QQ8 H 8 13.14 -11.47 -35.50
C QQ8 H 8 13.14 -12.55 -34.91
NM QQ8 H 8 14.24 -13.32 -34.93
CM QQ8 H 8 15.46 -12.97 -35.63
CA QQ8 H 8 16.57 -12.51 -34.67
N QQ8 H 8 16.66 -13.40 -33.51
CB QQ8 H 8 17.92 -12.44 -35.39
CG QQ8 H 8 19.10 -12.03 -34.50
CD QQ8 H 8 19.90 -13.19 -33.93
OE1 QQ8 H 8 21.05 -13.02 -33.50
NE2 QQ8 H 8 19.32 -14.39 -33.91
N ARG H 9 12.08 -12.94 -34.20
CA ARG H 9 10.83 -12.14 -34.14
C ARG H 9 10.99 -10.77 -33.51
N ILE H 10 11.98 -10.62 -32.63
CA ILE H 10 12.23 -9.42 -31.85
C ILE H 10 13.56 -8.68 -32.22
O3 66N H 11 16.68 -7.36 -35.11
N11 66N H 11 14.53 -9.31 -32.88
C33 66N H 11 15.80 -8.57 -33.22
C35 66N H 11 17.03 -9.26 -32.64
C34 66N H 11 16.01 -8.33 -34.72
N12 66N H 11 15.46 -9.20 -35.55
C1 GOL I . -9.83 -7.09 -12.88
O1 GOL I . -9.53 -8.47 -12.81
C2 GOL I . -8.58 -6.28 -13.09
O2 GOL I . -8.88 -4.89 -13.09
C3 GOL I . -7.81 -6.69 -14.33
O3 GOL I . -8.69 -7.13 -15.36
C1 GOL J . 1.82 4.42 -4.37
O1 GOL J . 1.59 4.18 -2.99
C2 GOL J . 3.28 4.67 -4.63
O2 GOL J . 3.57 4.37 -6.00
C3 GOL J . 3.69 6.09 -4.33
O3 GOL J . 4.98 6.35 -4.86
C1 GOL K . -3.70 9.19 24.43
O1 GOL K . -4.46 10.39 24.54
C2 GOL K . -2.98 8.88 25.73
O2 GOL K . -2.35 10.05 26.25
C3 GOL K . -1.98 7.75 25.57
O3 GOL K . -1.04 7.72 26.64
C1 GOL L . -36.61 14.10 1.00
O1 GOL L . -35.19 14.16 1.18
C2 GOL L . -37.34 13.51 2.21
O2 GOL L . -37.28 12.07 2.26
C3 GOL L . -36.88 14.08 3.52
O3 GOL L . -36.46 15.41 3.33
C1 GOL M . -14.30 -6.36 27.25
O1 GOL M . -14.22 -6.18 25.85
C2 GOL M . -14.84 -5.13 27.95
O2 GOL M . -14.25 -3.97 27.38
C3 GOL M . -14.62 -5.14 29.46
O3 GOL M . -15.63 -5.86 30.15
C1 GOL N . -30.53 19.26 26.59
O1 GOL N . -29.73 20.42 26.32
C2 GOL N . -31.15 19.34 27.95
O2 GOL N . -30.18 19.06 28.96
C3 GOL N . -32.33 18.41 28.11
O3 GOL N . -32.94 18.60 29.38
C1 GOL O . -40.32 -6.69 26.39
O1 GOL O . -40.51 -5.35 26.84
C2 GOL O . -41.01 -7.68 27.30
O2 GOL O . -40.74 -7.40 28.68
C3 GOL O . -40.65 -9.12 26.97
O3 GOL O . -41.16 -10.03 27.94
C1 GOL P . 24.07 -0.23 -18.63
O1 GOL P . 23.14 -0.01 -19.67
C2 GOL P . 25.49 0.09 -19.05
O2 GOL P . 26.42 -0.37 -18.06
C3 GOL P . 25.71 1.56 -19.30
O3 GOL P . 27.09 1.87 -19.47
C1 GOL Q . 7.12 -28.89 -18.71
O1 GOL Q . 7.94 -28.28 -19.68
C2 GOL Q . 5.67 -28.54 -18.90
O2 GOL Q . 5.19 -29.05 -20.15
C3 GOL Q . 4.78 -29.06 -17.78
O3 GOL Q . 3.44 -28.65 -17.93
C1 GOL R . 15.94 -13.50 -23.75
O1 GOL R . 16.28 -14.67 -24.48
C2 GOL R . 16.02 -13.76 -22.26
O2 GOL R . 15.41 -15.02 -21.95
C3 GOL R . 15.39 -12.65 -21.44
O3 GOL R . 15.17 -13.07 -20.10
C1 GOL S . -10.60 -17.93 -15.92
O1 GOL S . -10.98 -18.99 -16.79
C2 GOL S . -10.83 -16.58 -16.58
O2 GOL S . -10.22 -15.54 -15.78
C3 GOL S . -10.28 -16.52 -17.99
O3 GOL S . -10.69 -15.34 -18.67
C1 GOL T . -8.11 11.25 8.07
O1 GOL T . -8.81 10.26 7.36
C2 GOL T . -8.46 11.22 9.55
O2 GOL T . -7.79 10.13 10.20
C3 GOL T . -9.94 11.17 9.81
O3 GOL T . -10.21 11.19 11.20
C1 GOL U . -15.80 -12.98 17.55
O1 GOL U . -15.08 -12.96 16.32
C2 GOL U . -14.86 -12.96 18.74
O2 GOL U . -13.85 -11.97 18.56
C3 GOL U . -15.58 -12.75 20.05
O3 GOL U . -14.68 -12.31 21.05
C1 GOL V . -16.62 -3.26 10.50
O1 GOL V . -16.58 -2.49 9.30
C2 GOL V . -18.02 -3.35 11.08
O2 GOL V . -18.97 -3.44 10.03
C3 GOL V . -18.35 -2.16 11.96
O3 GOL V . -19.41 -2.45 12.88
S SO4 W . 33.43 -1.27 -4.10
O1 SO4 W . 34.52 -0.43 -4.63
O2 SO4 W . 32.82 -0.56 -2.96
O3 SO4 W . 33.96 -2.59 -3.68
O4 SO4 W . 32.45 -1.46 -5.17
#